data_9BEP
#
_entry.id   9BEP
#
_cell.length_a   98.236
_cell.length_b   162.127
_cell.length_c   231.033
_cell.angle_alpha   90.00
_cell.angle_beta   90.00
_cell.angle_gamma   90.00
#
_symmetry.space_group_name_H-M   'I 2 2 2'
#
loop_
_entity.id
_entity.type
_entity.pdbx_description
1 polymer 'S1_8C sulfatase'
2 branched 2-O-sulfo-beta-D-galactopyranose-(1-4)-2,6-di-O-sulfo-alpha-D-galactopyranose
3 non-polymer 'CHLORIDE ION'
4 non-polymer 'CALCIUM ION'
5 non-polymer 2-O-sulfo-beta-D-galactopyranose
6 water water
#
_entity_poly.entity_id   1
_entity_poly.type   'polypeptide(L)'
_entity_poly.pdbx_seq_one_letter_code
;MGSSHHHHHHSSGLVPRGSHMASESYAISNDGSPTSKKTIKKRPNFVWLVSEDNSKRYLKLYNAKGAEMPNIESLAKQGL
VFNNAFSNSPVSSTARTTLALGAYPAKLAMEYHRPFERINLPRELSTISDYLTKAGYYTSNDAKEDYNFVSPENNWSSSK
KGASWHNRKAGQPFFHMQTWKTTHEGKLHFPESDIENLSTIHNPNSVELDPIHPNTELFRYTYARYLDLHKKVDKEMGVV
INQLKEEGLLEDTFIFYFGDHGGVLPGSKGFVSERGLNVPLVVRVPKNFRHLLHKDLQAKLSTRVDGVISFIDFAPTLLE
LAGLPKSKLQDGESFLSKNLSLDDLNKRNTNFSFADRFDEKYDMVRGFRKGKYKYIRNYLPFNPDGLFSSYRYKQAAYRE
WKHLFKANKLNSVQSAFFKRKPLEALYDLEQDPFETKNLALLPQYTEQVIKMRAGLQKKLQSMPDLAFYPESYLVDIAKD
DPIIFSLKHKNDIARFINIIDMSLQPFEQVKNKLKAVLLSNEQWERYWAMNAVLAFGDKANEFLPIIEKIRQSDINLINR
SRAIQYLALNNGVSPQLELEDLVKQAKDPLTALAILNIATQLHDTLGIAFNIELNKLWKNSIETRGTSMESFHKRTVDGW
FKARMDYLKNI
;
_entity_poly.pdbx_strand_id   A,B
#
loop_
_chem_comp.id
_chem_comp.type
_chem_comp.name
_chem_comp.formula
A1APB D-saccharide, beta linking 2-O-sulfo-beta-D-galactopyranose 'C6 H12 O9 S'
A1APD D-saccharide, alpha linking 2,6-di-O-sulfo-alpha-D-galactopyranose 'C6 H12 O12 S2'
CA non-polymer 'CALCIUM ION' 'Ca 2'
CL non-polymer 'CHLORIDE ION' 'Cl -1'
#
# COMPACT_ATOMS: atom_id res chain seq x y z
N LYS A 42 7.74 31.40 -20.90
CA LYS A 42 8.21 30.02 -21.03
C LYS A 42 7.19 29.02 -20.45
N ARG A 43 6.47 29.43 -19.41
CA ARG A 43 5.49 28.54 -18.79
C ARG A 43 4.09 29.13 -18.74
N PRO A 44 3.06 28.28 -18.93
CA PRO A 44 1.69 28.81 -18.98
C PRO A 44 1.18 29.23 -17.61
N ASN A 45 0.24 30.18 -17.61
CA ASN A 45 -0.47 30.56 -16.41
C ASN A 45 -1.72 29.70 -16.31
N PHE A 46 -2.28 29.63 -15.10
CA PHE A 46 -3.55 28.93 -14.90
C PHE A 46 -4.52 29.77 -14.10
N VAL A 47 -5.78 29.75 -14.49
CA VAL A 47 -6.82 30.37 -13.69
C VAL A 47 -7.95 29.35 -13.50
N TRP A 48 -8.37 29.17 -12.25
CA TRP A 48 -9.53 28.35 -11.91
C TRP A 48 -10.65 29.26 -11.44
N LEU A 49 -11.70 29.38 -12.24
CA LEU A 49 -12.89 30.12 -11.86
C LEU A 49 -13.91 29.14 -11.36
N VAL A 50 -14.28 29.22 -10.09
CA VAL A 50 -15.08 28.16 -9.47
C VAL A 50 -16.39 28.72 -8.91
N SER A 51 -17.51 28.22 -9.41
CA SER A 51 -18.79 28.59 -8.81
C SER A 51 -19.19 27.50 -7.84
N GLU A 52 -19.82 27.89 -6.73
CA GLU A 52 -20.15 26.89 -5.72
C GLU A 52 -21.42 26.13 -6.03
N ASP A 53 -21.35 24.81 -5.84
CA ASP A 53 -22.50 23.94 -5.67
C ASP A 53 -23.33 23.65 -6.94
N ASN A 54 -22.90 24.09 -8.13
CA ASN A 54 -23.82 23.99 -9.27
C ASN A 54 -23.47 22.95 -10.34
N SER A 55 -24.52 22.25 -10.79
CA SER A 55 -24.47 21.28 -11.88
C SER A 55 -24.67 21.89 -13.27
N LYS A 56 -24.38 21.11 -14.31
CA LYS A 56 -24.33 21.66 -15.66
C LYS A 56 -25.70 21.99 -16.25
N ARG A 57 -26.79 21.41 -15.73
CA ARG A 57 -28.09 21.56 -16.40
C ARG A 57 -28.60 23.00 -16.32
N TYR A 58 -28.06 23.76 -15.40
CA TYR A 58 -28.50 25.15 -15.21
C TYR A 58 -27.86 26.15 -16.18
N LEU A 59 -26.96 25.67 -17.02
CA LEU A 59 -26.27 26.49 -18.02
C LEU A 59 -26.81 26.25 -19.41
N LYS A 60 -27.11 27.34 -20.14
CA LYS A 60 -27.56 27.23 -21.53
C LYS A 60 -26.52 26.52 -22.40
N LEU A 61 -25.26 26.63 -22.02
CA LEU A 61 -24.17 25.95 -22.72
C LEU A 61 -24.42 24.43 -22.81
N TYR A 62 -25.13 23.88 -21.82
CA TYR A 62 -25.34 22.45 -21.75
C TYR A 62 -26.80 22.05 -21.93
N ASN A 63 -27.71 22.98 -21.72
CA ASN A 63 -29.13 22.65 -21.61
C ASN A 63 -29.97 23.75 -22.27
N ALA A 64 -30.87 23.35 -23.16
CA ALA A 64 -31.68 24.31 -23.90
C ALA A 64 -32.48 25.23 -22.98
N LYS A 65 -32.80 24.77 -21.78
CA LYS A 65 -33.55 25.62 -20.86
C LYS A 65 -32.69 26.18 -19.71
N GLY A 66 -31.37 26.12 -19.85
CA GLY A 66 -30.48 26.66 -18.84
C GLY A 66 -30.29 28.16 -19.02
N ALA A 67 -29.50 28.77 -18.15
CA ALA A 67 -29.37 30.23 -18.14
C ALA A 67 -28.34 30.70 -19.17
N GLU A 68 -28.70 31.73 -19.94
CA GLU A 68 -27.72 32.44 -20.78
C GLU A 68 -26.61 33.01 -19.93
N MET A 69 -25.38 32.70 -20.31
CA MET A 69 -24.20 33.16 -19.58
C MET A 69 -23.12 33.59 -20.60
N PRO A 70 -23.22 34.81 -21.11
CA PRO A 70 -22.34 35.26 -22.22
C PRO A 70 -20.84 35.17 -21.91
N ASN A 71 -20.42 35.45 -20.68
CA ASN A 71 -19.00 35.45 -20.35
C ASN A 71 -18.41 34.04 -20.37
N ILE A 72 -19.11 33.08 -19.75
CA ILE A 72 -18.64 31.70 -19.84
C ILE A 72 -18.77 31.19 -21.27
N GLU A 73 -19.83 31.58 -21.97
CA GLU A 73 -19.99 31.13 -23.35
C GLU A 73 -18.87 31.67 -24.25
N SER A 74 -18.39 32.87 -23.94
CA SER A 74 -17.28 33.46 -24.67
C SER A 74 -16.00 32.66 -24.41
N LEU A 75 -15.77 32.23 -23.17
CA LEU A 75 -14.65 31.33 -22.88
C LEU A 75 -14.69 30.09 -23.75
N ALA A 76 -15.90 29.57 -23.93
CA ALA A 76 -16.05 28.32 -24.66
C ALA A 76 -15.74 28.47 -26.15
N LYS A 77 -15.86 29.69 -26.68
CA LYS A 77 -15.64 29.92 -28.11
C LYS A 77 -14.25 29.46 -28.58
N GLN A 78 -13.23 29.66 -27.74
CA GLN A 78 -11.89 29.16 -28.03
C GLN A 78 -11.53 28.16 -26.94
N GLY A 79 -12.43 27.23 -26.65
CA GLY A 79 -12.22 26.35 -25.53
C GLY A 79 -12.74 24.94 -25.72
N LEU A 80 -12.34 24.09 -24.78
CA LEU A 80 -12.88 22.74 -24.68
C LEU A 80 -14.08 22.78 -23.74
N VAL A 81 -15.21 22.27 -24.19
CA VAL A 81 -16.41 22.20 -23.35
C VAL A 81 -16.61 20.75 -22.98
N PHE A 82 -16.45 20.43 -21.69
CA PHE A 82 -16.52 19.04 -21.25
C PHE A 82 -17.95 18.68 -20.88
N ASN A 83 -18.49 17.65 -21.51
CA ASN A 83 -19.87 17.22 -21.27
C ASN A 83 -20.00 16.28 -20.07
N ASN A 84 -18.88 15.72 -19.63
CA ASN A 84 -18.88 14.69 -18.60
C ASN A 84 -17.79 14.87 -17.53
N ALA A 85 -17.78 16.06 -16.93
CA ALA A 85 -16.88 16.34 -15.81
C ALA A 85 -17.63 16.06 -14.53
N PHE A 86 -16.95 15.45 -13.57
CA PHE A 86 -17.53 15.05 -12.28
C PHE A 86 -16.60 15.27 -11.10
N SER A 87 -17.17 15.68 -9.97
CA SER A 87 -16.45 15.55 -8.70
C SER A 87 -16.45 14.09 -8.30
N ASN A 88 -15.64 13.74 -7.31
CA ASN A 88 -15.60 12.39 -6.77
C ASN A 88 -16.40 12.32 -5.46
N SER A 89 -17.02 13.43 -5.08
CA SER A 89 -17.84 13.47 -3.87
C SER A 89 -18.76 14.69 -3.95
N PRO A 90 -19.85 14.71 -3.17
CA PRO A 90 -20.87 15.74 -3.50
C PRO A 90 -21.01 16.89 -2.52
N VAL A 91 -19.91 17.41 -1.99
CA VAL A 91 -19.97 18.55 -1.09
C VAL A 91 -18.62 19.29 -1.18
N SER A 92 -18.60 20.54 -0.71
CA SER A 92 -17.45 21.43 -0.92
C SER A 92 -16.11 20.91 -0.39
N SER A 93 -16.05 20.56 0.88
CA SER A 93 -14.73 20.31 1.49
C SER A 93 -14.07 19.06 0.88
N THR A 94 -14.84 17.99 0.70
CA THR A 94 -14.23 16.78 0.17
C THR A 94 -13.90 16.97 -1.31
N ALA A 95 -14.73 17.71 -2.04
CA ALA A 95 -14.43 17.98 -3.44
C ALA A 95 -13.21 18.88 -3.62
N ARG A 96 -13.12 19.92 -2.80
CA ARG A 96 -11.98 20.83 -2.90
C ARG A 96 -10.68 20.17 -2.42
N THR A 97 -10.80 19.27 -1.45
CA THR A 97 -9.66 18.46 -1.01
C THR A 97 -9.17 17.59 -2.18
N THR A 98 -10.12 16.97 -2.89
CA THR A 98 -9.80 16.20 -4.09
C THR A 98 -9.11 17.07 -5.15
N LEU A 99 -9.68 18.24 -5.43
CA LEU A 99 -9.10 19.14 -6.43
C LEU A 99 -7.64 19.49 -6.11
N ALA A 100 -7.40 19.81 -4.85
CA ALA A 100 -6.06 20.25 -4.42
C ALA A 100 -5.02 19.11 -4.55
N LEU A 101 -5.43 17.89 -4.17
CA LEU A 101 -4.51 16.76 -4.01
C LEU A 101 -4.37 15.82 -5.21
N GLY A 102 -5.38 15.78 -6.07
CA GLY A 102 -5.35 14.83 -7.17
C GLY A 102 -5.43 13.39 -6.66
N ALA A 103 -6.03 13.23 -5.49
CA ALA A 103 -6.15 11.94 -4.81
C ALA A 103 -7.52 11.81 -4.10
N TYR A 104 -7.96 10.58 -3.88
CA TYR A 104 -9.22 10.32 -3.16
C TYR A 104 -9.11 10.63 -1.67
N PRO A 105 -9.92 11.58 -1.17
CA PRO A 105 -9.97 11.83 0.27
C PRO A 105 -10.31 10.61 1.10
N ALA A 106 -11.06 9.66 0.54
CA ALA A 106 -11.43 8.48 1.34
C ALA A 106 -10.19 7.67 1.76
N LYS A 107 -9.14 7.69 0.94
CA LYS A 107 -7.97 6.88 1.31
C LYS A 107 -7.07 7.61 2.31
N LEU A 108 -7.45 8.84 2.64
CA LEU A 108 -6.65 9.70 3.52
C LEU A 108 -7.40 10.18 4.76
N ALA A 109 -8.52 9.56 5.08
CA ALA A 109 -9.35 9.94 6.24
C ALA A 109 -9.88 11.37 6.16
N MET A 110 -10.10 11.84 4.93
CA MET A 110 -10.56 13.21 4.66
C MET A 110 -11.95 13.27 4.00
N GLU A 111 -12.77 12.25 4.23
CA GLU A 111 -14.08 12.14 3.59
C GLU A 111 -15.20 12.76 4.42
N TYR A 112 -14.88 13.66 5.36
CA TYR A 112 -15.87 14.10 6.33
C TYR A 112 -16.06 15.61 6.30
N HIS A 113 -17.30 16.03 6.01
CA HIS A 113 -17.62 17.45 5.83
C HIS A 113 -18.50 18.00 6.94
N ARG A 114 -18.04 19.00 7.68
CA ARG A 114 -16.66 19.49 7.67
C ARG A 114 -15.85 18.69 8.67
N PRO A 115 -14.50 18.73 8.57
CA PRO A 115 -13.72 17.79 9.40
C PRO A 115 -13.86 18.05 10.89
N PHE A 116 -13.87 16.97 11.67
CA PHE A 116 -13.71 17.13 13.11
C PHE A 116 -12.23 17.40 13.37
N GLU A 117 -11.38 16.62 12.72
CA GLU A 117 -9.92 16.85 12.75
C GLU A 117 -9.34 16.77 11.35
N ARG A 118 -8.59 17.80 10.96
CA ARG A 118 -7.90 17.76 9.67
C ARG A 118 -6.73 16.80 9.71
N ILE A 119 -6.39 16.25 8.55
CA ILE A 119 -5.40 15.18 8.48
C ILE A 119 -4.07 15.72 7.98
N ASN A 120 -2.97 15.28 8.56
CA ASN A 120 -1.68 15.70 8.04
C ASN A 120 -1.31 14.97 6.77
N LEU A 121 -0.83 15.72 5.78
CA LEU A 121 -0.51 15.12 4.50
C LEU A 121 0.68 14.20 4.67
N PRO A 122 0.67 13.08 3.95
CA PRO A 122 1.86 12.22 3.88
C PRO A 122 3.01 12.96 3.20
N ARG A 123 4.22 12.45 3.39
CA ARG A 123 5.43 13.13 2.92
C ARG A 123 5.42 13.38 1.43
N GLU A 124 4.98 12.37 0.67
CA GLU A 124 5.11 12.37 -0.77
C GLU A 124 3.88 12.91 -1.51
N LEU A 125 2.98 13.56 -0.80
CA LEU A 125 1.78 14.15 -1.42
C LEU A 125 1.55 15.58 -0.95
N SER A 126 1.40 16.51 -1.88
CA SER A 126 1.03 17.85 -1.51
C SER A 126 -0.03 18.41 -2.46
N THR A 127 -0.38 19.67 -2.23
CA THR A 127 -1.41 20.38 -2.99
C THR A 127 -0.85 20.93 -4.29
N ILE A 128 -1.72 21.20 -5.26
CA ILE A 128 -1.26 21.70 -6.55
C ILE A 128 -0.70 23.12 -6.35
N SER A 129 -1.27 23.88 -5.41
CA SER A 129 -0.76 25.21 -5.13
C SER A 129 0.65 25.17 -4.53
N ASP A 130 0.90 24.19 -3.66
CA ASP A 130 2.22 24.02 -3.05
C ASP A 130 3.25 23.62 -4.10
N TYR A 131 2.94 22.62 -4.90
CA TYR A 131 3.81 22.18 -6.00
C TYR A 131 4.14 23.32 -6.95
N LEU A 132 3.14 24.11 -7.31
CA LEU A 132 3.38 25.18 -8.27
C LEU A 132 4.20 26.31 -7.63
N THR A 133 3.91 26.63 -6.37
CA THR A 133 4.64 27.68 -5.67
C THR A 133 6.12 27.32 -5.58
N LYS A 134 6.40 26.08 -5.19
CA LYS A 134 7.79 25.61 -5.08
C LYS A 134 8.47 25.58 -6.45
N ALA A 135 7.67 25.52 -7.52
CA ALA A 135 8.22 25.55 -8.87
C ALA A 135 8.41 26.98 -9.36
N GLY A 136 8.11 27.95 -8.51
CA GLY A 136 8.35 29.33 -8.86
C GLY A 136 7.12 30.10 -9.35
N TYR A 137 5.94 29.47 -9.32
CA TYR A 137 4.70 30.17 -9.69
C TYR A 137 4.28 31.17 -8.63
N TYR A 138 3.67 32.29 -9.03
CA TYR A 138 2.96 33.11 -8.05
C TYR A 138 1.56 32.54 -7.91
N THR A 139 1.20 32.07 -6.71
CA THR A 139 -0.09 31.41 -6.52
C THR A 139 -1.02 32.23 -5.61
N SER A 140 -2.21 32.54 -6.12
CA SER A 140 -3.17 33.32 -5.35
C SER A 140 -4.53 32.60 -5.29
N ASN A 141 -5.16 32.68 -4.13
CA ASN A 141 -6.48 32.06 -3.91
C ASN A 141 -7.43 33.07 -3.27
N ASP A 142 -8.54 33.35 -3.94
CA ASP A 142 -9.52 34.28 -3.40
C ASP A 142 -10.92 33.64 -3.37
N ALA A 143 -11.33 33.09 -2.22
CA ALA A 143 -10.51 32.99 -1.02
C ALA A 143 -10.84 31.69 -0.28
N LYS A 144 -11.91 31.03 -0.69
CA LYS A 144 -12.37 29.84 0.01
C LYS A 144 -11.34 28.72 -0.11
N GLU A 145 -11.08 28.04 1.00
CA GLU A 145 -10.16 26.92 0.98
C GLU A 145 -10.94 25.63 1.24
N ASP A 146 -11.42 25.48 2.48
CA ASP A 146 -12.24 24.34 2.84
C ASP A 146 -11.47 23.04 2.64
N TYR A 147 -10.22 22.99 3.08
CA TYR A 147 -9.41 21.78 2.95
C TYR A 147 -9.59 20.83 4.11
N ASN A 148 -9.50 19.52 3.87
CA ASN A 148 -9.64 18.58 4.99
C ASN A 148 -8.27 18.06 5.46
N PHE A 149 -7.21 18.62 4.90
CA PHE A 149 -5.85 18.35 5.36
C PHE A 149 -5.33 19.57 6.10
N VAL A 150 -4.30 19.38 6.92
CA VAL A 150 -3.55 20.51 7.48
C VAL A 150 -2.80 21.14 6.31
N SER A 151 -2.90 22.47 6.15
CA SER A 151 -2.27 23.11 5.01
C SER A 151 -0.76 23.05 5.07
N PRO A 152 -0.12 22.85 3.91
CA PRO A 152 1.33 22.97 3.81
C PRO A 152 1.79 24.38 4.21
N GLU A 153 3.04 24.51 4.66
CA GLU A 153 3.61 25.83 4.85
C GLU A 153 3.72 26.49 3.49
N ASN A 154 3.43 27.79 3.41
CA ASN A 154 3.50 28.54 2.15
C ASN A 154 2.70 27.85 1.05
N ASN A 155 1.50 27.40 1.42
CA ASN A 155 0.61 26.68 0.50
C ASN A 155 0.24 27.53 -0.71
N TRP A 156 0.04 28.82 -0.47
CA TRP A 156 -0.23 29.83 -1.49
C TRP A 156 0.73 31.00 -1.33
N SER A 157 1.06 31.68 -2.42
CA SER A 157 1.76 32.96 -2.31
C SER A 157 0.91 33.92 -1.53
N SER A 158 -0.39 33.87 -1.79
CA SER A 158 -1.36 34.68 -1.06
C SER A 158 -2.75 34.01 -1.11
N SER A 159 -3.36 33.79 0.04
CA SER A 159 -4.71 33.22 0.11
C SER A 159 -5.58 34.05 1.05
N LYS A 160 -6.38 34.93 0.47
CA LYS A 160 -7.24 35.83 1.24
C LYS A 160 -8.11 36.62 0.27
N LYS A 161 -9.17 37.23 0.80
CA LYS A 161 -10.01 38.11 0.00
C LYS A 161 -9.13 39.14 -0.70
N GLY A 162 -9.27 39.25 -2.02
CA GLY A 162 -8.51 40.25 -2.75
C GLY A 162 -7.19 39.76 -3.32
N ALA A 163 -6.76 38.55 -2.95
CA ALA A 163 -5.53 38.00 -3.53
C ALA A 163 -5.68 37.90 -5.03
N SER A 164 -4.60 38.17 -5.76
CA SER A 164 -4.67 38.38 -7.19
C SER A 164 -3.35 38.05 -7.89
N TRP A 165 -3.40 37.75 -9.17
CA TRP A 165 -2.19 37.48 -9.95
C TRP A 165 -1.38 38.77 -10.12
N HIS A 166 -2.02 39.90 -9.83
CA HIS A 166 -1.40 41.21 -10.06
C HIS A 166 -0.11 41.44 -9.25
N ASN A 167 0.06 40.71 -8.15
CA ASN A 167 1.23 40.93 -7.31
C ASN A 167 2.41 40.03 -7.62
N ARG A 168 2.34 39.30 -8.72
CA ARG A 168 3.46 38.50 -9.16
C ARG A 168 4.58 39.43 -9.65
N LYS A 169 5.81 38.93 -9.61
CA LYS A 169 6.94 39.66 -10.19
C LYS A 169 6.84 39.53 -11.70
N ALA A 170 7.38 40.51 -12.43
CA ALA A 170 7.35 40.44 -13.89
C ALA A 170 7.99 39.14 -14.36
N GLY A 171 7.40 38.54 -15.40
CA GLY A 171 7.89 37.29 -15.97
C GLY A 171 7.57 36.03 -15.17
N GLN A 172 7.00 36.20 -13.98
CA GLN A 172 6.68 35.05 -13.14
C GLN A 172 5.33 34.45 -13.54
N PRO A 173 5.30 33.14 -13.84
CA PRO A 173 4.00 32.54 -14.21
C PRO A 173 3.06 32.49 -13.00
N PHE A 174 1.75 32.48 -13.23
CA PHE A 174 0.85 32.47 -12.08
C PHE A 174 -0.24 31.41 -12.17
N PHE A 175 -0.77 31.08 -11.00
CA PHE A 175 -1.92 30.21 -10.82
C PHE A 175 -2.88 30.96 -9.89
N HIS A 176 -4.04 31.37 -10.43
CA HIS A 176 -5.02 32.09 -9.63
C HIS A 176 -6.31 31.27 -9.51
N MET A 177 -6.75 31.03 -8.29
CA MET A 177 -8.01 30.32 -8.06
C MET A 177 -8.98 31.27 -7.37
N GLN A 178 -10.21 31.35 -7.88
CA GLN A 178 -11.19 32.26 -7.29
C GLN A 178 -12.56 31.56 -7.20
N THR A 179 -13.22 31.75 -6.09
CA THR A 179 -14.52 31.10 -5.87
C THR A 179 -15.62 32.17 -5.81
N TRP A 180 -16.77 31.91 -6.45
CA TRP A 180 -17.95 32.76 -6.26
C TRP A 180 -19.02 31.99 -5.51
N LYS A 181 -19.58 32.61 -4.46
CA LYS A 181 -20.59 31.99 -3.60
C LYS A 181 -22.01 32.25 -4.07
N THR A 182 -22.12 32.90 -5.23
CA THR A 182 -23.39 33.33 -5.77
C THR A 182 -24.39 32.18 -5.97
N THR A 183 -23.84 30.99 -6.26
CA THR A 183 -24.68 29.81 -6.53
C THR A 183 -24.67 28.83 -5.35
N HIS A 184 -24.23 29.28 -4.19
CA HIS A 184 -24.16 28.40 -3.03
C HIS A 184 -25.55 27.99 -2.57
N GLU A 185 -25.64 26.80 -1.98
CA GLU A 185 -26.91 26.28 -1.45
C GLU A 185 -27.70 27.27 -0.56
N GLY A 186 -26.98 28.06 0.23
CA GLY A 186 -27.62 29.01 1.15
C GLY A 186 -28.51 30.02 0.43
N LYS A 187 -28.19 30.28 -0.83
CA LYS A 187 -28.99 31.22 -1.63
C LYS A 187 -30.36 30.66 -1.99
N LEU A 188 -30.56 29.36 -1.80
CA LEU A 188 -31.88 28.75 -2.00
C LEU A 188 -32.58 28.51 -0.68
N HIS A 189 -32.14 29.22 0.37
CA HIS A 189 -32.77 29.07 1.67
C HIS A 189 -33.74 30.23 1.93
N PHE A 190 -34.25 30.81 0.85
CA PHE A 190 -35.25 31.87 0.96
C PHE A 190 -36.54 31.38 1.62
N PRO A 191 -37.30 32.31 2.22
CA PRO A 191 -38.59 31.93 2.79
C PRO A 191 -39.58 31.57 1.70
N GLU A 192 -40.47 30.64 1.97
CA GLU A 192 -41.44 30.21 0.98
C GLU A 192 -42.33 31.38 0.53
N SER A 193 -42.50 32.38 1.41
CA SER A 193 -43.28 33.59 1.05
C SER A 193 -42.67 34.36 -0.12
N ASP A 194 -41.43 34.05 -0.50
CA ASP A 194 -40.85 34.71 -1.67
C ASP A 194 -41.65 34.40 -2.93
N ILE A 195 -42.36 33.28 -2.94
CA ILE A 195 -43.17 32.91 -4.10
C ILE A 195 -44.22 34.01 -4.39
N GLU A 196 -44.67 34.69 -3.34
CA GLU A 196 -45.53 35.86 -3.48
C GLU A 196 -44.76 37.16 -3.58
N ASN A 197 -43.65 37.29 -2.86
CA ASN A 197 -42.99 38.59 -2.68
C ASN A 197 -41.84 38.92 -3.62
N LEU A 198 -41.24 37.92 -4.25
CA LEU A 198 -40.11 38.16 -5.17
C LEU A 198 -40.31 37.45 -6.50
N SER A 199 -40.22 38.16 -7.62
CA SER A 199 -40.37 37.48 -8.89
C SER A 199 -38.99 37.09 -9.38
N THR A 200 -38.97 36.25 -10.38
CA THR A 200 -37.72 35.79 -10.96
C THR A 200 -37.59 36.34 -12.37
N ILE A 201 -36.37 36.38 -12.88
CA ILE A 201 -36.19 36.77 -14.27
C ILE A 201 -36.47 35.59 -15.20
N HIS A 202 -35.96 34.41 -14.85
CA HIS A 202 -36.28 33.23 -15.65
C HIS A 202 -37.70 32.76 -15.35
N ASN A 203 -38.34 32.13 -16.33
CA ASN A 203 -39.75 31.76 -16.26
C ASN A 203 -39.92 30.39 -15.57
N PRO A 204 -40.48 30.39 -14.35
CA PRO A 204 -40.66 29.10 -13.68
C PRO A 204 -41.69 28.24 -14.37
N ASN A 205 -42.62 28.84 -15.10
CA ASN A 205 -43.68 28.02 -15.70
C ASN A 205 -43.15 27.07 -16.78
N SER A 206 -41.99 27.38 -17.35
CA SER A 206 -41.44 26.55 -18.43
C SER A 206 -40.36 25.57 -17.96
N VAL A 207 -40.12 25.54 -16.66
CA VAL A 207 -39.13 24.64 -16.07
C VAL A 207 -39.51 23.16 -16.23
N GLU A 208 -38.57 22.35 -16.73
CA GLU A 208 -38.77 20.91 -16.80
C GLU A 208 -37.98 20.27 -15.68
N LEU A 209 -38.69 19.89 -14.63
CA LEU A 209 -38.04 19.43 -13.41
C LEU A 209 -37.47 18.04 -13.55
N ASP A 210 -36.46 17.76 -12.74
CA ASP A 210 -35.96 16.41 -12.53
C ASP A 210 -37.14 15.50 -12.15
N PRO A 211 -37.23 14.26 -12.71
CA PRO A 211 -38.33 13.35 -12.37
C PRO A 211 -38.44 12.96 -10.90
N ILE A 212 -37.38 13.15 -10.12
CA ILE A 212 -37.53 12.79 -8.71
C ILE A 212 -38.21 13.89 -7.91
N HIS A 213 -38.42 15.05 -8.54
CA HIS A 213 -39.02 16.19 -7.86
C HIS A 213 -40.54 16.24 -8.01
N PRO A 214 -41.23 16.72 -6.97
CA PRO A 214 -42.66 16.95 -7.18
C PRO A 214 -42.84 18.16 -8.08
N ASN A 215 -43.82 18.07 -8.97
CA ASN A 215 -44.04 19.14 -9.93
C ASN A 215 -44.91 20.22 -9.34
N THR A 216 -44.32 21.07 -8.49
CA THR A 216 -45.08 22.07 -7.73
C THR A 216 -44.62 23.48 -8.08
N GLU A 217 -45.46 24.46 -7.77
CA GLU A 217 -45.11 25.88 -7.90
C GLU A 217 -43.77 26.19 -7.24
N LEU A 218 -43.60 25.69 -6.02
CA LEU A 218 -42.36 25.97 -5.26
C LEU A 218 -41.13 25.35 -5.92
N PHE A 219 -41.21 24.12 -6.43
CA PHE A 219 -40.00 23.54 -7.04
C PHE A 219 -39.63 24.29 -8.32
N ARG A 220 -40.63 24.64 -9.13
CA ARG A 220 -40.37 25.36 -10.35
C ARG A 220 -39.81 26.75 -10.03
N TYR A 221 -40.36 27.38 -9.00
CA TYR A 221 -39.87 28.69 -8.57
C TYR A 221 -38.43 28.59 -8.09
N THR A 222 -38.14 27.57 -7.30
CA THR A 222 -36.79 27.39 -6.79
C THR A 222 -35.80 27.18 -7.94
N TYR A 223 -36.21 26.38 -8.92
CA TYR A 223 -35.37 26.14 -10.11
C TYR A 223 -35.08 27.47 -10.80
N ALA A 224 -36.14 28.27 -11.02
CA ALA A 224 -35.96 29.59 -11.63
C ALA A 224 -35.03 30.50 -10.82
N ARG A 225 -35.19 30.50 -9.51
CA ARG A 225 -34.30 31.29 -8.64
C ARG A 225 -32.84 30.87 -8.87
N TYR A 226 -32.63 29.59 -9.10
CA TYR A 226 -31.26 29.12 -9.29
C TYR A 226 -30.74 29.52 -10.67
N LEU A 227 -31.60 29.48 -11.68
CA LEU A 227 -31.22 29.98 -12.99
C LEU A 227 -30.83 31.47 -12.89
N ASP A 228 -31.58 32.24 -12.11
CA ASP A 228 -31.28 33.67 -11.93
C ASP A 228 -29.87 33.89 -11.36
N LEU A 229 -29.49 33.03 -10.42
CA LEU A 229 -28.14 33.12 -9.82
C LEU A 229 -27.05 32.80 -10.85
N HIS A 230 -27.35 31.94 -11.82
CA HIS A 230 -26.37 31.69 -12.89
C HIS A 230 -26.15 32.91 -13.78
N LYS A 231 -27.22 33.64 -14.06
CA LYS A 231 -27.12 34.89 -14.82
C LYS A 231 -26.23 35.85 -14.06
N LYS A 232 -26.47 35.95 -12.76
CA LYS A 232 -25.73 36.88 -11.92
C LYS A 232 -24.25 36.52 -11.81
N VAL A 233 -23.94 35.24 -11.59
CA VAL A 233 -22.55 34.84 -11.36
C VAL A 233 -21.71 34.94 -12.64
N ASP A 234 -22.35 34.77 -13.80
CA ASP A 234 -21.63 34.93 -15.04
C ASP A 234 -21.11 36.35 -15.18
N LYS A 235 -21.92 37.33 -14.82
CA LYS A 235 -21.56 38.73 -14.88
C LYS A 235 -20.35 38.97 -13.96
N GLU A 236 -20.43 38.44 -12.75
CA GLU A 236 -19.36 38.58 -11.76
C GLU A 236 -18.05 37.96 -12.22
N MET A 237 -18.10 36.77 -12.82
CA MET A 237 -16.87 36.13 -13.29
C MET A 237 -16.31 36.88 -14.50
N GLY A 238 -17.18 37.54 -15.25
CA GLY A 238 -16.77 38.35 -16.37
C GLY A 238 -15.82 39.48 -15.98
N VAL A 239 -15.94 39.97 -14.75
CA VAL A 239 -15.03 41.00 -14.25
C VAL A 239 -13.58 40.52 -14.33
N VAL A 240 -13.34 39.29 -13.88
CA VAL A 240 -12.01 38.71 -13.89
C VAL A 240 -11.55 38.37 -15.30
N ILE A 241 -12.43 37.79 -16.10
CA ILE A 241 -12.10 37.45 -17.47
C ILE A 241 -11.73 38.70 -18.27
N ASN A 242 -12.46 39.79 -18.03
CA ASN A 242 -12.18 41.02 -18.73
C ASN A 242 -10.84 41.64 -18.31
N GLN A 243 -10.46 41.46 -17.05
CA GLN A 243 -9.16 41.89 -16.56
C GLN A 243 -8.03 41.15 -17.26
N LEU A 244 -8.16 39.83 -17.36
CA LEU A 244 -7.18 39.02 -18.08
C LEU A 244 -7.07 39.46 -19.54
N LYS A 245 -8.21 39.77 -20.14
CA LYS A 245 -8.25 40.25 -21.52
C LYS A 245 -7.53 41.60 -21.67
N GLU A 246 -7.90 42.56 -20.82
CA GLU A 246 -7.32 43.90 -20.82
C GLU A 246 -5.81 43.90 -20.65
N GLU A 247 -5.32 42.97 -19.84
CA GLU A 247 -3.92 42.91 -19.50
C GLU A 247 -3.11 42.09 -20.48
N GLY A 248 -3.77 41.60 -21.52
CA GLY A 248 -3.10 40.83 -22.56
C GLY A 248 -2.64 39.45 -22.12
N LEU A 249 -3.38 38.84 -21.20
CA LEU A 249 -2.97 37.56 -20.63
C LEU A 249 -3.75 36.35 -21.13
N LEU A 250 -4.83 36.58 -21.87
CA LEU A 250 -5.69 35.47 -22.32
C LEU A 250 -4.90 34.37 -23.01
N GLU A 251 -4.00 34.75 -23.93
CA GLU A 251 -3.36 33.75 -24.77
C GLU A 251 -2.08 33.19 -24.15
N ASP A 252 -1.83 33.54 -22.89
CA ASP A 252 -0.78 32.90 -22.11
C ASP A 252 -1.33 32.07 -20.95
N THR A 253 -2.65 32.04 -20.82
CA THR A 253 -3.32 31.53 -19.61
C THR A 253 -4.36 30.46 -19.94
N PHE A 254 -4.26 29.28 -19.32
CA PHE A 254 -5.37 28.29 -19.36
C PHE A 254 -6.43 28.73 -18.37
N ILE A 255 -7.63 29.01 -18.84
CA ILE A 255 -8.69 29.45 -17.95
C ILE A 255 -9.74 28.36 -17.80
N PHE A 256 -9.85 27.80 -16.59
CA PHE A 256 -10.83 26.75 -16.27
C PHE A 256 -12.06 27.38 -15.64
N TYR A 257 -13.25 27.06 -16.15
CA TYR A 257 -14.45 27.38 -15.36
C TYR A 257 -15.14 26.08 -14.95
N PHE A 258 -15.46 25.92 -13.67
CA PHE A 258 -16.23 24.74 -13.25
C PHE A 258 -17.00 24.98 -11.95
N GLY A 259 -18.00 24.14 -11.69
CA GLY A 259 -18.67 24.15 -10.40
C GLY A 259 -17.89 23.23 -9.47
N ASP A 260 -18.00 23.43 -8.16
CA ASP A 260 -17.13 22.62 -7.28
C ASP A 260 -17.75 21.29 -6.81
N HIS A 261 -18.95 20.98 -7.32
CA HIS A 261 -19.59 19.63 -7.24
C HIS A 261 -21.02 19.85 -7.73
N GLY A 262 -21.79 18.78 -7.85
CA GLY A 262 -23.14 18.91 -8.35
C GLY A 262 -24.13 19.51 -7.36
N GLY A 263 -25.15 20.19 -7.86
CA GLY A 263 -26.20 20.72 -7.02
C GLY A 263 -26.99 21.78 -7.76
N VAL A 264 -27.90 22.47 -7.08
CA VAL A 264 -28.04 22.31 -5.64
C VAL A 264 -29.52 22.23 -5.22
N LEU A 265 -30.39 21.87 -6.16
CA LEU A 265 -31.79 21.57 -5.77
C LEU A 265 -31.85 20.25 -4.99
N PRO A 266 -33.01 19.91 -4.41
CA PRO A 266 -32.99 18.72 -3.54
C PRO A 266 -32.56 17.41 -4.23
N GLY A 267 -31.88 16.56 -3.46
CA GLY A 267 -31.44 15.25 -3.91
C GLY A 267 -30.11 15.29 -4.66
N SER A 268 -29.39 16.40 -4.60
CA SER A 268 -28.17 16.54 -5.39
C SER A 268 -26.95 16.55 -4.44
N LYS A 269 -26.57 17.75 -4.00
CA LYS A 269 -25.53 17.94 -2.97
C LYS A 269 -25.78 17.04 -1.76
N GLY A 270 -24.75 16.31 -1.34
CA GLY A 270 -24.88 15.37 -0.25
C GLY A 270 -25.05 13.94 -0.70
N PHE A 271 -25.19 13.72 -2.02
CA PHE A 271 -25.48 12.36 -2.52
C PHE A 271 -24.68 12.04 -3.76
N VAL A 272 -24.32 10.76 -3.94
CA VAL A 272 -23.50 10.38 -5.07
C VAL A 272 -24.32 9.84 -6.24
N SER A 273 -25.59 10.26 -6.34
CA SER A 273 -26.25 10.16 -7.65
C SER A 273 -25.49 11.11 -8.57
N GLU A 274 -25.71 11.01 -9.88
CA GLU A 274 -25.02 11.94 -10.79
C GLU A 274 -25.34 13.41 -10.49
N ARG A 275 -26.48 13.64 -9.84
CA ARG A 275 -26.90 14.99 -9.48
C ARG A 275 -25.90 15.69 -8.56
N GLY A 276 -25.28 14.93 -7.66
CA GLY A 276 -24.37 15.53 -6.70
C GLY A 276 -22.95 15.65 -7.22
N LEU A 277 -22.73 15.18 -8.44
CA LEU A 277 -21.37 15.03 -8.98
C LEU A 277 -21.11 15.79 -10.28
N ASN A 278 -22.12 15.89 -11.15
CA ASN A 278 -21.86 16.50 -12.45
C ASN A 278 -21.71 18.03 -12.32
N VAL A 279 -20.73 18.58 -13.02
CA VAL A 279 -20.46 20.02 -13.00
C VAL A 279 -20.16 20.50 -14.41
N PRO A 280 -20.41 21.79 -14.69
CA PRO A 280 -19.93 22.35 -15.96
C PRO A 280 -18.40 22.38 -15.92
N LEU A 281 -17.74 22.24 -17.06
CA LEU A 281 -16.29 22.43 -17.13
C LEU A 281 -15.94 22.95 -18.50
N VAL A 282 -15.36 24.15 -18.53
CA VAL A 282 -14.90 24.76 -19.77
C VAL A 282 -13.45 25.15 -19.58
N VAL A 283 -12.60 24.81 -20.54
CA VAL A 283 -11.21 25.26 -20.51
C VAL A 283 -10.89 26.06 -21.77
N ARG A 284 -10.62 27.36 -21.59
CA ARG A 284 -10.17 28.18 -22.71
C ARG A 284 -8.69 27.95 -22.96
N VAL A 285 -8.35 27.46 -24.16
CA VAL A 285 -6.97 27.13 -24.48
C VAL A 285 -6.27 28.36 -25.08
N PRO A 286 -5.18 28.81 -24.43
CA PRO A 286 -4.42 30.00 -24.84
C PRO A 286 -3.64 29.73 -26.12
N LYS A 287 -3.64 30.68 -27.05
CA LYS A 287 -2.98 30.47 -28.35
C LYS A 287 -1.48 30.14 -28.19
N ASN A 288 -0.79 30.84 -27.30
CA ASN A 288 0.67 30.66 -27.19
C ASN A 288 1.11 29.35 -26.54
N PHE A 289 0.15 28.52 -26.12
CA PHE A 289 0.52 27.22 -25.55
C PHE A 289 -0.28 26.06 -26.13
N ARG A 290 -0.89 26.29 -27.29
CA ARG A 290 -1.55 25.21 -28.03
C ARG A 290 -0.60 24.06 -28.29
N HIS A 291 0.69 24.38 -28.39
CA HIS A 291 1.71 23.38 -28.68
C HIS A 291 1.87 22.34 -27.58
N LEU A 292 1.35 22.63 -26.38
CA LEU A 292 1.37 21.65 -25.30
C LEU A 292 0.32 20.56 -25.47
N LEU A 293 -0.65 20.82 -26.35
CA LEU A 293 -1.77 19.91 -26.52
C LEU A 293 -1.76 19.21 -27.87
N HIS A 294 -2.30 18.01 -27.90
CA HIS A 294 -2.59 17.32 -29.15
C HIS A 294 -3.45 18.23 -30.03
N LYS A 295 -3.19 18.20 -31.33
CA LYS A 295 -3.88 19.08 -32.28
C LYS A 295 -5.41 19.01 -32.13
N ASP A 296 -5.95 17.81 -31.88
CA ASP A 296 -7.39 17.60 -31.63
C ASP A 296 -7.99 18.51 -30.56
N LEU A 297 -7.16 18.91 -29.60
CA LEU A 297 -7.65 19.55 -28.37
C LEU A 297 -7.24 21.00 -28.25
N GLN A 298 -6.73 21.58 -29.34
CA GLN A 298 -6.18 22.92 -29.23
C GLN A 298 -7.28 23.97 -29.23
N ALA A 299 -8.50 23.55 -29.55
CA ALA A 299 -9.68 24.40 -29.43
C ALA A 299 -9.60 25.67 -30.24
N LYS A 300 -9.12 25.57 -31.48
CA LYS A 300 -9.13 26.73 -32.39
C LYS A 300 -10.56 27.18 -32.62
N LEU A 301 -11.46 26.20 -32.67
CA LEU A 301 -12.91 26.43 -32.58
C LEU A 301 -13.41 25.67 -31.35
N SER A 302 -14.58 26.03 -30.85
CA SER A 302 -15.14 25.37 -29.66
C SER A 302 -15.27 23.87 -29.90
N THR A 303 -14.79 23.09 -28.93
CA THR A 303 -14.69 21.65 -29.10
C THR A 303 -15.25 20.89 -27.90
N ARG A 304 -16.24 20.03 -28.15
CA ARG A 304 -16.84 19.23 -27.08
C ARG A 304 -16.02 17.98 -26.78
N VAL A 305 -15.85 17.71 -25.49
CA VAL A 305 -15.17 16.50 -25.04
C VAL A 305 -16.18 15.65 -24.29
N ASP A 306 -16.28 14.38 -24.63
CA ASP A 306 -17.29 13.50 -24.04
C ASP A 306 -16.70 12.54 -23.00
N GLY A 307 -15.37 12.39 -23.01
CA GLY A 307 -14.69 11.54 -22.04
C GLY A 307 -14.97 11.95 -20.60
N VAL A 308 -14.99 10.97 -19.70
CA VAL A 308 -15.29 11.27 -18.30
C VAL A 308 -14.05 11.82 -17.63
N ILE A 309 -14.19 13.04 -17.11
CA ILE A 309 -13.15 13.75 -16.37
C ILE A 309 -13.56 13.77 -14.90
N SER A 310 -12.62 13.47 -13.99
CA SER A 310 -12.90 13.48 -12.55
C SER A 310 -12.07 14.54 -11.83
N PHE A 311 -12.53 14.98 -10.67
CA PHE A 311 -11.77 15.97 -9.91
C PHE A 311 -10.35 15.49 -9.52
N ILE A 312 -10.15 14.18 -9.36
CA ILE A 312 -8.78 13.69 -9.12
C ILE A 312 -7.83 14.00 -10.29
N ASP A 313 -8.38 14.33 -11.47
CA ASP A 313 -7.57 14.55 -12.67
C ASP A 313 -7.06 15.99 -12.81
N PHE A 314 -7.59 16.91 -11.99
CA PHE A 314 -7.30 18.33 -12.18
C PHE A 314 -5.84 18.67 -11.81
N ALA A 315 -5.41 18.27 -10.63
CA ALA A 315 -4.05 18.59 -10.19
C ALA A 315 -3.00 17.95 -11.11
N PRO A 316 -3.15 16.65 -11.46
CA PRO A 316 -2.20 16.09 -12.43
C PRO A 316 -2.18 16.81 -13.77
N THR A 317 -3.31 17.40 -14.16
CA THR A 317 -3.35 18.16 -15.41
C THR A 317 -2.49 19.42 -15.33
N LEU A 318 -2.61 20.18 -14.24
CA LEU A 318 -1.80 21.39 -14.08
C LEU A 318 -0.32 21.02 -13.96
N LEU A 319 -0.03 19.92 -13.28
CA LEU A 319 1.37 19.48 -13.15
C LEU A 319 1.97 19.23 -14.52
N GLU A 320 1.26 18.50 -15.38
CA GLU A 320 1.77 18.21 -16.71
C GLU A 320 1.96 19.44 -17.57
N LEU A 321 0.99 20.35 -17.55
CA LEU A 321 1.11 21.59 -18.32
C LEU A 321 2.25 22.45 -17.82
N ALA A 322 2.57 22.33 -16.53
CA ALA A 322 3.66 23.13 -15.94
C ALA A 322 5.02 22.44 -16.10
N GLY A 323 5.03 21.25 -16.68
CA GLY A 323 6.25 20.48 -16.84
C GLY A 323 6.73 19.84 -15.54
N LEU A 324 5.80 19.52 -14.62
CA LEU A 324 6.16 18.89 -13.35
C LEU A 324 5.71 17.43 -13.28
N PRO A 325 6.35 16.62 -12.43
CA PRO A 325 5.98 15.21 -12.31
C PRO A 325 4.77 14.95 -11.40
N LYS A 326 4.02 13.89 -11.67
CA LYS A 326 2.90 13.48 -10.82
C LYS A 326 3.46 12.95 -9.51
N SER A 327 2.68 13.02 -8.43
CA SER A 327 3.09 12.34 -7.20
C SER A 327 2.67 10.87 -7.30
N LYS A 328 3.44 9.97 -6.72
CA LYS A 328 3.08 8.55 -6.75
C LYS A 328 1.82 8.28 -5.92
N LEU A 329 1.47 9.22 -5.04
CA LEU A 329 0.26 9.06 -4.23
C LEU A 329 -1.01 9.61 -4.91
N GLN A 330 -0.86 10.21 -6.08
CA GLN A 330 -2.02 10.76 -6.80
C GLN A 330 -2.78 9.69 -7.58
N ASP A 331 -4.10 9.85 -7.67
CA ASP A 331 -4.95 8.86 -8.29
C ASP A 331 -5.36 9.29 -9.68
N GLY A 332 -5.32 10.60 -9.94
CA GLY A 332 -5.80 11.15 -11.19
C GLY A 332 -4.82 11.05 -12.35
N GLU A 333 -5.28 11.48 -13.53
CA GLU A 333 -4.49 11.45 -14.75
C GLU A 333 -4.80 12.68 -15.58
N SER A 334 -3.76 13.39 -16.02
CA SER A 334 -3.97 14.60 -16.81
C SER A 334 -4.85 14.36 -18.02
N PHE A 335 -5.77 15.28 -18.28
CA PHE A 335 -6.62 15.17 -19.47
C PHE A 335 -6.21 16.19 -20.54
N LEU A 336 -5.09 16.86 -20.32
CA LEU A 336 -4.51 17.76 -21.31
C LEU A 336 -3.03 17.40 -21.48
N SER A 337 -2.72 16.74 -22.59
CA SER A 337 -1.42 16.13 -22.79
C SER A 337 -1.06 16.21 -24.27
N LYS A 338 0.23 16.23 -24.58
CA LYS A 338 0.66 16.37 -25.98
C LYS A 338 0.21 15.20 -26.84
N ASN A 339 0.31 13.98 -26.31
CA ASN A 339 0.06 12.79 -27.11
C ASN A 339 -1.31 12.16 -26.89
N LEU A 340 -2.19 12.92 -26.24
CA LEU A 340 -3.54 12.44 -25.95
C LEU A 340 -4.56 12.98 -26.94
N SER A 341 -5.04 12.14 -27.87
CA SER A 341 -5.99 12.60 -28.87
C SER A 341 -7.40 12.73 -28.29
N LEU A 342 -8.28 13.43 -29.01
CA LEU A 342 -9.67 13.57 -28.56
C LEU A 342 -10.35 12.20 -28.54
N ASP A 343 -10.05 11.37 -29.54
CA ASP A 343 -10.57 10.01 -29.57
C ASP A 343 -10.13 9.22 -28.35
N ASP A 344 -8.86 9.37 -27.96
CA ASP A 344 -8.35 8.66 -26.79
C ASP A 344 -8.99 9.19 -25.49
N LEU A 345 -9.09 10.50 -25.38
CA LEU A 345 -9.68 11.11 -24.20
C LEU A 345 -11.14 10.69 -24.03
N ASN A 346 -11.86 10.57 -25.15
CA ASN A 346 -13.26 10.16 -25.12
C ASN A 346 -13.46 8.70 -24.71
N LYS A 347 -12.38 7.94 -24.67
CA LYS A 347 -12.46 6.55 -24.20
C LYS A 347 -12.51 6.47 -22.67
N ARG A 348 -12.07 7.53 -22.00
CA ARG A 348 -12.12 7.55 -20.54
C ARG A 348 -13.58 7.53 -20.09
N ASN A 349 -13.94 6.59 -19.22
CA ASN A 349 -15.35 6.43 -18.89
C ASN A 349 -15.63 5.95 -17.46
N THR A 350 -14.77 6.33 -16.53
CA THR A 350 -14.84 5.83 -15.16
C THR A 350 -14.89 6.95 -14.10
N ASN A 351 -15.79 6.82 -13.13
CA ASN A 351 -15.78 7.75 -12.00
C ASN A 351 -16.18 7.03 -10.73
N PHE A 352 -15.34 7.13 -9.71
CA PHE A 352 -15.66 6.60 -8.39
C PHE A 352 -16.09 7.73 -7.47
N SER A 353 -17.17 7.53 -6.73
CA SER A 353 -17.69 8.59 -5.88
C SER A 353 -17.96 8.12 -4.45
N PHE A 354 -17.92 9.08 -3.53
CA PHE A 354 -17.87 8.78 -2.10
C PHE A 354 -18.74 9.75 -1.32
N ALA A 355 -19.50 9.23 -0.36
CA ALA A 355 -20.30 10.06 0.54
C ALA A 355 -20.26 9.44 1.91
N ASP A 356 -19.98 10.25 2.92
CA ASP A 356 -19.96 9.77 4.29
C ASP A 356 -20.70 10.78 5.18
N ARG A 357 -19.99 11.61 5.92
CA ARG A 357 -20.66 12.60 6.76
C ARG A 357 -20.77 13.98 6.10
N PHE A 358 -21.94 14.61 6.26
CA PHE A 358 -22.20 15.98 5.87
C PHE A 358 -22.85 16.70 7.06
N ASP A 359 -22.10 17.59 7.69
CA ASP A 359 -22.51 18.24 8.94
C ASP A 359 -22.85 17.16 9.99
N GLU A 360 -24.04 17.19 10.57
CA GLU A 360 -24.38 16.18 11.60
C GLU A 360 -24.84 14.85 11.01
N LYS A 361 -25.07 14.82 9.69
CA LYS A 361 -25.74 13.67 9.11
C LYS A 361 -24.76 12.68 8.48
N TYR A 362 -24.92 11.41 8.79
CA TYR A 362 -24.00 10.39 8.26
C TYR A 362 -24.75 9.32 7.49
N ASP A 363 -24.09 8.79 6.47
CA ASP A 363 -24.53 7.59 5.75
C ASP A 363 -23.27 7.12 5.06
N MET A 364 -23.24 5.89 4.54
CA MET A 364 -22.08 5.47 3.76
C MET A 364 -22.53 4.94 2.41
N VAL A 365 -22.18 5.66 1.34
CA VAL A 365 -22.57 5.30 0.00
C VAL A 365 -21.38 5.40 -0.92
N ARG A 366 -21.26 4.46 -1.85
CA ARG A 366 -20.22 4.52 -2.85
C ARG A 366 -20.84 4.38 -4.23
N GLY A 367 -20.31 5.14 -5.18
CA GLY A 367 -20.75 5.06 -6.57
C GLY A 367 -19.61 4.63 -7.49
N PHE A 368 -19.95 3.87 -8.52
CA PHE A 368 -18.98 3.41 -9.51
C PHE A 368 -19.64 3.57 -10.87
N ARG A 369 -19.13 4.51 -11.69
CA ARG A 369 -19.67 4.69 -13.02
C ARG A 369 -18.61 4.14 -13.97
N LYS A 370 -19.05 3.37 -14.97
CA LYS A 370 -18.13 2.71 -15.92
C LYS A 370 -18.85 2.58 -17.25
N GLY A 371 -18.39 3.28 -18.26
CA GLY A 371 -19.12 3.32 -19.52
C GLY A 371 -20.50 3.93 -19.29
N LYS A 372 -21.54 3.33 -19.86
CA LYS A 372 -22.90 3.84 -19.69
C LYS A 372 -23.56 3.40 -18.38
N TYR A 373 -22.86 2.58 -17.60
CA TYR A 373 -23.45 2.04 -16.37
C TYR A 373 -23.05 2.82 -15.12
N LYS A 374 -24.03 3.06 -14.27
CA LYS A 374 -23.83 3.67 -12.94
C LYS A 374 -24.31 2.69 -11.88
N TYR A 375 -23.39 2.36 -10.98
CA TYR A 375 -23.64 1.42 -9.89
C TYR A 375 -23.56 2.17 -8.58
N ILE A 376 -24.53 1.94 -7.70
CA ILE A 376 -24.52 2.53 -6.38
C ILE A 376 -24.57 1.42 -5.33
N ARG A 377 -23.68 1.49 -4.35
CA ARG A 377 -23.67 0.54 -3.24
C ARG A 377 -24.05 1.27 -1.96
N ASN A 378 -25.21 0.92 -1.40
CA ASN A 378 -25.71 1.49 -0.16
C ASN A 378 -25.39 0.55 1.00
N TYR A 379 -24.26 0.78 1.67
CA TYR A 379 -23.82 -0.09 2.76
C TYR A 379 -24.77 -0.10 3.94
N LEU A 380 -25.47 1.01 4.16
CA LEU A 380 -26.44 1.12 5.27
C LEU A 380 -27.82 1.44 4.71
N PRO A 381 -28.49 0.47 4.07
CA PRO A 381 -29.69 0.76 3.28
C PRO A 381 -30.90 1.18 4.12
N PHE A 382 -30.86 0.89 5.42
CA PHE A 382 -31.91 1.30 6.35
C PHE A 382 -31.89 2.81 6.64
N ASN A 383 -30.83 3.51 6.18
CA ASN A 383 -30.78 4.99 6.21
C ASN A 383 -31.34 5.59 4.92
N PRO A 384 -32.56 6.15 4.95
CA PRO A 384 -33.03 6.76 3.70
C PRO A 384 -32.16 7.96 3.35
N ASP A 385 -32.04 8.29 2.07
CA ASP A 385 -31.28 9.48 1.70
C ASP A 385 -31.86 10.74 2.37
N GLY A 386 -33.17 10.73 2.62
CA GLY A 386 -33.83 11.88 3.23
C GLY A 386 -33.63 12.05 4.74
N LEU A 387 -32.89 11.14 5.35
CA LEU A 387 -32.49 11.23 6.78
C LEU A 387 -32.08 12.66 7.15
N PHE A 388 -32.68 13.19 8.22
CA PHE A 388 -32.66 14.63 8.41
C PHE A 388 -31.27 15.23 8.55
N SER A 389 -31.10 16.37 7.88
CA SER A 389 -29.91 17.20 7.95
C SER A 389 -30.43 18.63 8.05
N SER A 390 -30.03 19.37 9.07
CA SER A 390 -30.57 20.71 9.30
C SER A 390 -30.40 21.63 8.09
N TYR A 391 -29.19 21.70 7.56
CA TYR A 391 -28.92 22.64 6.48
C TYR A 391 -29.65 22.29 5.18
N ARG A 392 -29.74 21.00 4.82
CA ARG A 392 -30.52 20.59 3.64
C ARG A 392 -31.91 21.18 3.72
N TYR A 393 -32.54 20.99 4.89
CA TYR A 393 -33.98 21.24 4.98
C TYR A 393 -34.30 22.70 5.28
N LYS A 394 -33.29 23.58 5.26
CA LYS A 394 -33.54 25.01 5.25
C LYS A 394 -34.01 25.49 3.88
N GLN A 395 -33.90 24.64 2.87
CA GLN A 395 -34.47 24.91 1.54
C GLN A 395 -35.93 24.51 1.56
N ALA A 396 -36.82 25.47 1.30
CA ALA A 396 -38.28 25.21 1.43
C ALA A 396 -38.72 24.05 0.55
N ALA A 397 -38.10 23.89 -0.62
CA ALA A 397 -38.45 22.79 -1.52
C ALA A 397 -38.16 21.43 -0.86
N TYR A 398 -37.10 21.33 -0.05
CA TYR A 398 -36.83 20.08 0.64
C TYR A 398 -37.96 19.77 1.62
N ARG A 399 -38.40 20.78 2.34
CA ARG A 399 -39.46 20.56 3.33
C ARG A 399 -40.76 20.16 2.64
N GLU A 400 -41.06 20.78 1.51
CA GLU A 400 -42.27 20.42 0.78
C GLU A 400 -42.22 18.99 0.23
N TRP A 401 -41.06 18.61 -0.31
CA TRP A 401 -40.86 17.24 -0.80
C TRP A 401 -41.16 16.21 0.30
N LYS A 402 -40.61 16.42 1.49
CA LYS A 402 -40.82 15.49 2.61
C LYS A 402 -42.30 15.48 3.04
N HIS A 403 -42.89 16.67 3.06
CA HIS A 403 -44.29 16.80 3.44
C HIS A 403 -45.20 16.02 2.48
N LEU A 404 -44.94 16.14 1.17
CA LEU A 404 -45.68 15.39 0.17
C LEU A 404 -45.44 13.88 0.28
N PHE A 405 -44.23 13.47 0.62
CA PHE A 405 -43.97 12.06 0.89
C PHE A 405 -44.85 11.52 2.01
N LYS A 406 -44.88 12.24 3.13
CA LYS A 406 -45.68 11.78 4.28
C LYS A 406 -47.17 11.85 3.98
N ALA A 407 -47.56 12.71 3.06
CA ALA A 407 -48.97 12.84 2.67
C ALA A 407 -49.39 11.84 1.61
N ASN A 408 -48.48 10.93 1.26
CA ASN A 408 -48.70 9.93 0.23
C ASN A 408 -49.05 10.54 -1.13
N LYS A 409 -48.36 11.62 -1.49
CA LYS A 409 -48.65 12.31 -2.74
C LYS A 409 -47.55 12.18 -3.79
N LEU A 410 -46.56 11.34 -3.54
CA LEU A 410 -45.47 11.16 -4.51
C LEU A 410 -45.58 9.83 -5.23
N ASN A 411 -45.12 9.78 -6.48
CA ASN A 411 -45.00 8.50 -7.16
C ASN A 411 -43.70 7.79 -6.72
N SER A 412 -43.44 6.61 -7.25
CA SER A 412 -42.37 5.76 -6.72
C SER A 412 -40.99 6.33 -7.01
N VAL A 413 -40.87 7.02 -8.13
CA VAL A 413 -39.59 7.63 -8.52
C VAL A 413 -39.29 8.82 -7.59
N GLN A 414 -40.34 9.59 -7.27
CA GLN A 414 -40.20 10.75 -6.39
C GLN A 414 -40.03 10.39 -4.92
N SER A 415 -40.51 9.22 -4.52
CA SER A 415 -40.50 8.91 -3.10
C SER A 415 -39.30 8.03 -2.70
N ALA A 416 -38.53 7.56 -3.67
CA ALA A 416 -37.37 6.69 -3.38
C ALA A 416 -36.39 7.33 -2.40
N PHE A 417 -36.24 8.64 -2.54
CA PHE A 417 -35.37 9.45 -1.66
C PHE A 417 -35.69 9.28 -0.16
N PHE A 418 -36.95 9.03 0.18
CA PHE A 418 -37.33 8.97 1.61
C PHE A 418 -37.49 7.56 2.14
N LYS A 419 -37.33 6.57 1.27
CA LYS A 419 -37.56 5.18 1.64
C LYS A 419 -36.27 4.44 1.91
N ARG A 420 -36.40 3.26 2.54
CA ARG A 420 -35.30 2.29 2.64
C ARG A 420 -34.70 2.10 1.25
N LYS A 421 -33.37 1.95 1.18
CA LYS A 421 -32.68 1.87 -0.11
C LYS A 421 -32.38 0.43 -0.49
N PRO A 422 -32.24 0.16 -1.80
CA PRO A 422 -31.74 -1.15 -2.21
C PRO A 422 -30.29 -1.29 -1.80
N LEU A 423 -29.79 -2.51 -1.62
CA LEU A 423 -28.38 -2.65 -1.26
C LEU A 423 -27.47 -2.20 -2.40
N GLU A 424 -27.95 -2.42 -3.62
CA GLU A 424 -27.28 -2.07 -4.85
C GLU A 424 -28.29 -1.48 -5.83
N ALA A 425 -27.85 -0.51 -6.61
CA ALA A 425 -28.65 -0.04 -7.73
C ALA A 425 -27.75 0.04 -8.94
N LEU A 426 -28.33 -0.19 -10.12
CA LEU A 426 -27.62 -0.15 -11.39
C LEU A 426 -28.47 0.60 -12.40
N TYR A 427 -27.89 1.60 -13.07
CA TYR A 427 -28.60 2.39 -14.07
C TYR A 427 -27.83 2.43 -15.39
N ASP A 428 -28.59 2.49 -16.48
CA ASP A 428 -28.04 2.74 -17.81
C ASP A 428 -28.19 4.23 -18.08
N LEU A 429 -27.10 4.96 -17.94
CA LEU A 429 -27.16 6.43 -18.02
C LEU A 429 -27.51 6.93 -19.42
N GLU A 430 -27.25 6.12 -20.43
CA GLU A 430 -27.59 6.53 -21.79
C GLU A 430 -29.10 6.49 -22.00
N GLN A 431 -29.76 5.47 -21.46
CA GLN A 431 -31.22 5.35 -21.57
C GLN A 431 -31.95 6.07 -20.45
N ASP A 432 -31.28 6.23 -19.31
CA ASP A 432 -31.94 6.62 -18.06
C ASP A 432 -31.03 7.60 -17.30
N PRO A 433 -30.83 8.80 -17.87
CA PRO A 433 -29.81 9.71 -17.31
C PRO A 433 -30.14 10.15 -15.89
N PHE A 434 -31.42 10.12 -15.52
CA PHE A 434 -31.81 10.57 -14.17
C PHE A 434 -31.84 9.43 -13.16
N GLU A 435 -31.34 8.27 -13.53
CA GLU A 435 -31.17 7.18 -12.56
C GLU A 435 -32.48 6.81 -11.87
N THR A 436 -33.51 6.54 -12.68
CA THR A 436 -34.85 6.26 -12.15
C THR A 436 -35.27 4.79 -12.19
N LYS A 437 -34.58 3.99 -13.00
CA LYS A 437 -34.98 2.58 -13.19
C LYS A 437 -33.86 1.63 -12.79
N ASN A 438 -34.00 1.03 -11.61
CA ASN A 438 -32.94 0.15 -11.10
C ASN A 438 -32.92 -1.17 -11.88
N LEU A 439 -31.83 -1.38 -12.59
CA LEU A 439 -31.70 -2.53 -13.47
C LEU A 439 -31.20 -3.77 -12.71
N ALA A 440 -30.76 -3.57 -11.47
CA ALA A 440 -30.14 -4.66 -10.70
C ALA A 440 -31.14 -5.76 -10.45
N LEU A 441 -32.42 -5.42 -10.58
CA LEU A 441 -33.50 -6.36 -10.31
C LEU A 441 -34.02 -7.04 -11.58
N LEU A 442 -33.35 -6.81 -12.71
CA LEU A 442 -33.72 -7.44 -13.98
C LEU A 442 -32.79 -8.57 -14.38
N PRO A 443 -33.34 -9.66 -14.94
CA PRO A 443 -32.55 -10.86 -15.22
C PRO A 443 -31.47 -10.69 -16.29
N GLN A 444 -31.66 -9.82 -17.27
CA GLN A 444 -30.64 -9.68 -18.30
C GLN A 444 -29.44 -8.86 -17.81
N TYR A 445 -29.51 -8.29 -16.61
CA TYR A 445 -28.42 -7.47 -16.08
C TYR A 445 -27.62 -8.16 -14.98
N THR A 446 -27.92 -9.43 -14.77
CA THR A 446 -27.25 -10.25 -13.75
C THR A 446 -25.74 -10.16 -13.83
N GLU A 447 -25.19 -10.36 -15.02
CA GLU A 447 -23.75 -10.33 -15.18
C GLU A 447 -23.22 -8.91 -14.94
N GLN A 448 -23.94 -7.89 -15.41
CA GLN A 448 -23.47 -6.51 -15.24
C GLN A 448 -23.40 -6.10 -13.76
N VAL A 449 -24.37 -6.55 -12.98
CA VAL A 449 -24.38 -6.27 -11.55
C VAL A 449 -23.12 -6.83 -10.92
N ILE A 450 -22.79 -8.08 -11.20
CA ILE A 450 -21.61 -8.70 -10.63
C ILE A 450 -20.33 -8.00 -11.08
N LYS A 451 -20.28 -7.57 -12.34
CA LYS A 451 -19.09 -6.88 -12.84
C LYS A 451 -18.84 -5.56 -12.09
N MET A 452 -19.90 -4.79 -11.90
CA MET A 452 -19.78 -3.51 -11.21
C MET A 452 -19.50 -3.74 -9.74
N ARG A 453 -20.21 -4.70 -9.13
CA ARG A 453 -19.98 -5.07 -7.72
C ARG A 453 -18.52 -5.43 -7.47
N ALA A 454 -17.98 -6.28 -8.35
CA ALA A 454 -16.58 -6.71 -8.18
C ALA A 454 -15.62 -5.55 -8.41
N GLY A 455 -15.93 -4.69 -9.38
CA GLY A 455 -15.09 -3.55 -9.69
C GLY A 455 -14.98 -2.60 -8.51
N LEU A 456 -16.11 -2.28 -7.89
CA LEU A 456 -16.07 -1.43 -6.70
C LEU A 456 -15.32 -2.11 -5.53
N GLN A 457 -15.65 -3.37 -5.26
CA GLN A 457 -14.97 -4.10 -4.18
C GLN A 457 -13.46 -4.03 -4.35
N LYS A 458 -12.99 -4.30 -5.57
CA LYS A 458 -11.57 -4.31 -5.85
C LYS A 458 -10.95 -2.94 -5.62
N LYS A 459 -11.67 -1.90 -6.04
CA LYS A 459 -11.19 -0.54 -5.89
C LYS A 459 -11.08 -0.13 -4.42
N LEU A 460 -12.12 -0.40 -3.64
CA LEU A 460 -12.13 0.04 -2.25
C LEU A 460 -11.14 -0.78 -1.41
N GLN A 461 -10.92 -2.03 -1.79
CA GLN A 461 -9.93 -2.87 -1.11
C GLN A 461 -8.53 -2.37 -1.40
N SER A 462 -8.30 -1.95 -2.64
CA SER A 462 -6.94 -1.61 -3.04
C SER A 462 -6.51 -0.21 -2.62
N MET A 463 -7.46 0.69 -2.43
CA MET A 463 -7.10 2.08 -2.17
C MET A 463 -6.14 2.25 -0.96
N PRO A 464 -6.49 1.73 0.24
CA PRO A 464 -7.74 1.16 0.70
C PRO A 464 -8.64 2.31 1.17
N ASP A 465 -9.94 2.07 1.17
CA ASP A 465 -10.94 3.03 1.66
C ASP A 465 -10.97 3.03 3.20
N LEU A 466 -10.38 4.05 3.82
CA LEU A 466 -10.29 4.12 5.29
C LEU A 466 -11.65 4.31 5.94
N ALA A 467 -12.65 4.74 5.18
CA ALA A 467 -13.93 5.10 5.80
C ALA A 467 -14.69 3.86 6.27
N PHE A 468 -14.16 2.67 6.02
CA PHE A 468 -14.79 1.49 6.63
C PHE A 468 -14.48 1.46 8.14
N TYR A 469 -13.52 2.24 8.61
CA TYR A 469 -13.44 2.57 10.03
C TYR A 469 -14.34 3.77 10.32
N PRO A 470 -15.23 3.65 11.32
CA PRO A 470 -16.00 4.83 11.72
C PRO A 470 -15.10 6.01 12.08
N GLU A 471 -15.54 7.19 11.65
CA GLU A 471 -14.78 8.42 11.82
C GLU A 471 -14.33 8.61 13.26
N SER A 472 -15.18 8.24 14.20
CA SER A 472 -14.90 8.41 15.61
C SER A 472 -13.65 7.65 16.05
N TYR A 473 -13.28 6.63 15.28
CA TYR A 473 -12.10 5.84 15.60
C TYR A 473 -10.96 6.32 14.74
N LEU A 474 -11.27 6.47 13.47
CA LEU A 474 -10.28 6.69 12.42
C LEU A 474 -9.49 7.99 12.57
N VAL A 475 -10.17 9.11 12.66
CA VAL A 475 -9.47 10.35 12.40
C VAL A 475 -8.50 10.68 13.54
N ASP A 476 -8.85 10.31 14.77
CA ASP A 476 -7.94 10.59 15.88
C ASP A 476 -6.65 9.75 15.74
N ILE A 477 -6.78 8.50 15.29
CA ILE A 477 -5.62 7.63 15.10
C ILE A 477 -4.83 7.90 13.83
N ALA A 478 -5.52 8.17 12.72
CA ALA A 478 -4.86 8.33 11.44
C ALA A 478 -4.37 9.74 11.12
N LYS A 479 -4.72 10.73 11.94
CA LYS A 479 -4.48 12.14 11.59
C LYS A 479 -3.02 12.48 11.41
N ASP A 480 -2.14 11.83 12.19
CA ASP A 480 -0.71 12.10 12.08
C ASP A 480 -0.06 11.39 10.88
N ASP A 481 -0.59 10.22 10.50
CA ASP A 481 -0.02 9.53 9.36
C ASP A 481 -1.00 8.53 8.76
N PRO A 482 -1.79 9.01 7.78
CA PRO A 482 -2.83 8.21 7.14
C PRO A 482 -2.27 7.07 6.30
N ILE A 483 -1.11 7.27 5.66
CA ILE A 483 -0.57 6.22 4.82
C ILE A 483 -0.14 5.02 5.67
N ILE A 484 0.54 5.27 6.77
CA ILE A 484 0.93 4.17 7.66
C ILE A 484 -0.29 3.44 8.20
N PHE A 485 -1.30 4.20 8.65
CA PHE A 485 -2.53 3.59 9.09
C PHE A 485 -3.11 2.68 8.01
N SER A 486 -3.10 3.14 6.77
CA SER A 486 -3.74 2.35 5.70
C SER A 486 -2.99 1.04 5.41
N LEU A 487 -1.65 1.11 5.46
CA LEU A 487 -0.83 -0.09 5.27
C LEU A 487 -1.02 -1.10 6.40
N LYS A 488 -1.04 -0.60 7.63
CA LYS A 488 -1.25 -1.44 8.80
C LYS A 488 -2.63 -2.14 8.78
N HIS A 489 -3.66 -1.44 8.31
CA HIS A 489 -5.02 -1.97 8.38
C HIS A 489 -5.62 -2.37 7.04
N LYS A 490 -4.78 -2.52 6.02
CA LYS A 490 -5.25 -2.89 4.68
C LYS A 490 -6.06 -4.19 4.67
N ASN A 491 -5.55 -5.22 5.34
CA ASN A 491 -6.28 -6.48 5.44
C ASN A 491 -7.56 -6.35 6.30
N ASP A 492 -7.47 -5.61 7.39
CA ASP A 492 -8.65 -5.37 8.24
C ASP A 492 -9.81 -4.73 7.47
N ILE A 493 -9.48 -3.82 6.56
CA ILE A 493 -10.52 -3.13 5.78
C ILE A 493 -11.12 -4.10 4.77
N ALA A 494 -10.26 -4.92 4.14
CA ALA A 494 -10.77 -5.95 3.24
C ALA A 494 -11.77 -6.84 3.99
N ARG A 495 -11.48 -7.13 5.25
CA ARG A 495 -12.41 -7.95 6.03
C ARG A 495 -13.73 -7.24 6.30
N PHE A 496 -13.66 -5.96 6.66
CA PHE A 496 -14.87 -5.16 6.89
C PHE A 496 -15.76 -5.20 5.66
N ILE A 497 -15.14 -5.00 4.50
CA ILE A 497 -15.89 -4.94 3.24
C ILE A 497 -16.55 -6.29 2.98
N ASN A 498 -15.81 -7.36 3.23
CA ASN A 498 -16.35 -8.68 3.04
C ASN A 498 -17.51 -8.93 4.00
N ILE A 499 -17.39 -8.44 5.22
CA ILE A 499 -18.42 -8.69 6.22
C ILE A 499 -19.71 -7.99 5.82
N ILE A 500 -19.64 -6.69 5.52
CA ILE A 500 -20.87 -5.98 5.19
C ILE A 500 -21.46 -6.52 3.88
N ASP A 501 -20.62 -6.97 2.96
CA ASP A 501 -21.13 -7.47 1.69
C ASP A 501 -21.76 -8.86 1.81
N MET A 502 -21.63 -9.47 2.99
CA MET A 502 -22.42 -10.68 3.26
C MET A 502 -23.90 -10.35 3.19
N SER A 503 -24.27 -9.09 3.37
CA SER A 503 -25.69 -8.72 3.34
C SER A 503 -26.25 -8.74 1.91
N LEU A 504 -25.36 -8.91 0.93
CA LEU A 504 -25.77 -9.05 -0.47
C LEU A 504 -26.19 -10.49 -0.80
N GLN A 505 -25.88 -11.41 0.09
CA GLN A 505 -26.08 -12.83 -0.17
C GLN A 505 -27.38 -13.33 0.47
N PRO A 506 -27.81 -14.57 0.12
CA PRO A 506 -28.98 -15.10 0.82
C PRO A 506 -28.63 -15.37 2.28
N PHE A 507 -29.55 -15.05 3.19
CA PHE A 507 -29.25 -15.14 4.61
C PHE A 507 -28.78 -16.55 5.01
N GLU A 508 -29.46 -17.57 4.49
CA GLU A 508 -29.12 -18.94 4.83
C GLU A 508 -27.67 -19.27 4.50
N GLN A 509 -27.20 -18.74 3.36
CA GLN A 509 -25.84 -19.01 2.90
C GLN A 509 -24.76 -18.38 3.80
N VAL A 510 -25.04 -17.24 4.43
CA VAL A 510 -24.01 -16.54 5.20
C VAL A 510 -24.23 -16.55 6.71
N LYS A 511 -25.37 -17.09 7.14
CA LYS A 511 -25.77 -17.11 8.54
C LYS A 511 -24.66 -17.49 9.53
N ASN A 512 -24.01 -18.61 9.27
CA ASN A 512 -22.99 -19.11 10.18
C ASN A 512 -21.77 -18.19 10.21
N LYS A 513 -21.36 -17.70 9.05
CA LYS A 513 -20.22 -16.78 8.98
C LYS A 513 -20.54 -15.50 9.75
N LEU A 514 -21.77 -15.03 9.57
CA LEU A 514 -22.22 -13.79 10.19
C LEU A 514 -22.28 -13.92 11.71
N LYS A 515 -22.78 -15.05 12.19
CA LYS A 515 -22.85 -15.31 13.63
C LYS A 515 -21.47 -15.29 14.28
N ALA A 516 -20.50 -15.90 13.60
CA ALA A 516 -19.12 -15.94 14.10
C ALA A 516 -18.52 -14.54 14.24
N VAL A 517 -18.82 -13.67 13.28
CA VAL A 517 -18.33 -12.29 13.31
C VAL A 517 -19.05 -11.50 14.40
N LEU A 518 -20.33 -11.80 14.62
CA LEU A 518 -21.08 -11.15 15.70
C LEU A 518 -20.44 -11.43 17.05
N LEU A 519 -19.79 -12.59 17.14
CA LEU A 519 -19.15 -13.01 18.37
C LEU A 519 -17.65 -12.68 18.35
N SER A 520 -17.21 -11.97 17.32
CA SER A 520 -15.78 -11.65 17.17
C SER A 520 -15.22 -10.83 18.33
N ASN A 521 -13.93 -10.99 18.60
CA ASN A 521 -13.25 -10.14 19.58
C ASN A 521 -12.88 -8.78 18.99
N GLU A 522 -13.07 -8.63 17.68
CA GLU A 522 -12.76 -7.38 16.98
C GLU A 522 -13.99 -6.48 16.94
N GLN A 523 -13.95 -5.37 17.67
CA GLN A 523 -15.12 -4.51 17.83
C GLN A 523 -15.69 -3.96 16.51
N TRP A 524 -14.83 -3.71 15.52
CA TRP A 524 -15.33 -3.11 14.28
C TRP A 524 -15.81 -4.18 13.31
N GLU A 525 -15.40 -5.42 13.54
CA GLU A 525 -15.99 -6.54 12.83
C GLU A 525 -17.41 -6.79 13.34
N ARG A 526 -17.60 -6.72 14.66
CA ARG A 526 -18.94 -6.79 15.23
C ARG A 526 -19.79 -5.64 14.71
N TYR A 527 -19.18 -4.46 14.60
CA TYR A 527 -19.90 -3.32 14.05
C TYR A 527 -20.43 -3.62 12.66
N TRP A 528 -19.56 -4.03 11.76
CA TRP A 528 -20.01 -4.31 10.40
C TRP A 528 -20.94 -5.52 10.30
N ALA A 529 -20.81 -6.48 11.21
CA ALA A 529 -21.75 -7.60 11.25
C ALA A 529 -23.15 -7.12 11.66
N MET A 530 -23.21 -6.22 12.63
CA MET A 530 -24.51 -5.68 13.04
C MET A 530 -25.13 -4.90 11.89
N ASN A 531 -24.31 -4.19 11.14
CA ASN A 531 -24.84 -3.44 9.98
C ASN A 531 -25.41 -4.38 8.91
N ALA A 532 -24.72 -5.50 8.66
CA ALA A 532 -25.24 -6.50 7.75
C ALA A 532 -26.56 -7.10 8.28
N VAL A 533 -26.63 -7.33 9.60
CA VAL A 533 -27.85 -7.84 10.23
C VAL A 533 -29.02 -6.85 10.10
N LEU A 534 -28.70 -5.56 10.27
CA LEU A 534 -29.68 -4.51 10.08
C LEU A 534 -30.19 -4.49 8.64
N ALA A 535 -29.28 -4.72 7.69
CA ALA A 535 -29.66 -4.76 6.27
C ALA A 535 -30.64 -5.91 6.02
N PHE A 536 -30.34 -7.06 6.61
CA PHE A 536 -31.20 -8.22 6.49
C PHE A 536 -32.56 -8.02 7.15
N GLY A 537 -32.61 -7.25 8.24
CA GLY A 537 -33.85 -6.99 8.93
C GLY A 537 -34.47 -8.24 9.54
N ASP A 538 -35.75 -8.47 9.27
CA ASP A 538 -36.46 -9.60 9.87
C ASP A 538 -35.85 -10.95 9.50
N LYS A 539 -35.15 -11.01 8.37
CA LYS A 539 -34.53 -12.27 7.93
C LYS A 539 -33.47 -12.78 8.91
N ALA A 540 -32.98 -11.90 9.79
CA ALA A 540 -31.96 -12.30 10.75
C ALA A 540 -32.52 -12.47 12.17
N ASN A 541 -33.83 -12.62 12.30
CA ASN A 541 -34.49 -12.72 13.61
C ASN A 541 -33.90 -13.79 14.56
N GLU A 542 -33.35 -14.86 13.99
CA GLU A 542 -32.83 -15.92 14.84
C GLU A 542 -31.61 -15.47 15.66
N PHE A 543 -31.02 -14.33 15.29
CA PHE A 543 -29.87 -13.78 16.00
C PHE A 543 -30.29 -12.95 17.22
N LEU A 544 -31.60 -12.88 17.48
CA LEU A 544 -32.12 -12.08 18.59
C LEU A 544 -31.36 -12.23 19.92
N PRO A 545 -31.04 -13.47 20.35
CA PRO A 545 -30.31 -13.59 21.63
C PRO A 545 -28.92 -12.95 21.59
N ILE A 546 -28.22 -13.10 20.46
CA ILE A 546 -26.91 -12.53 20.28
C ILE A 546 -26.98 -11.01 20.26
N ILE A 547 -27.99 -10.49 19.56
CA ILE A 547 -28.21 -9.04 19.48
C ILE A 547 -28.53 -8.43 20.85
N GLU A 548 -29.40 -9.10 21.61
CA GLU A 548 -29.71 -8.63 22.96
C GLU A 548 -28.44 -8.54 23.80
N LYS A 549 -27.55 -9.52 23.66
CA LYS A 549 -26.32 -9.52 24.45
C LYS A 549 -25.39 -8.38 24.01
N ILE A 550 -25.34 -8.12 22.70
CA ILE A 550 -24.60 -6.96 22.21
C ILE A 550 -25.21 -5.70 22.82
N ARG A 551 -26.54 -5.60 22.76
CA ARG A 551 -27.26 -4.46 23.31
C ARG A 551 -26.92 -4.18 24.78
N GLN A 552 -26.85 -5.22 25.59
CA GLN A 552 -26.65 -5.03 27.03
C GLN A 552 -25.18 -4.79 27.39
N SER A 553 -24.25 -5.46 26.70
CA SER A 553 -22.90 -5.56 27.25
C SER A 553 -21.71 -5.23 26.35
N ASP A 554 -21.94 -4.90 25.08
CA ASP A 554 -20.80 -4.66 24.19
C ASP A 554 -19.94 -3.52 24.74
N ILE A 555 -18.61 -3.68 24.68
CA ILE A 555 -17.71 -2.64 25.16
C ILE A 555 -17.78 -1.38 24.28
N ASN A 556 -18.29 -1.55 23.06
CA ASN A 556 -18.38 -0.49 22.07
C ASN A 556 -19.81 0.09 22.04
N LEU A 557 -19.94 1.38 22.32
CA LEU A 557 -21.27 1.97 22.52
C LEU A 557 -22.04 2.13 21.21
N ILE A 558 -21.31 2.26 20.10
CA ILE A 558 -21.96 2.31 18.80
C ILE A 558 -22.54 0.92 18.49
N ASN A 559 -21.80 -0.13 18.83
CA ASN A 559 -22.32 -1.49 18.65
C ASN A 559 -23.60 -1.70 19.46
N ARG A 560 -23.61 -1.23 20.70
CA ARG A 560 -24.83 -1.32 21.51
C ARG A 560 -25.97 -0.62 20.81
N SER A 561 -25.67 0.56 20.27
CA SER A 561 -26.67 1.37 19.58
C SER A 561 -27.22 0.68 18.33
N ARG A 562 -26.36 -0.01 17.57
CA ARG A 562 -26.82 -0.78 16.41
C ARG A 562 -27.78 -1.89 16.84
N ALA A 563 -27.46 -2.57 17.94
CA ALA A 563 -28.33 -3.61 18.46
C ALA A 563 -29.67 -3.05 18.90
N ILE A 564 -29.62 -1.92 19.62
CA ILE A 564 -30.84 -1.23 20.04
C ILE A 564 -31.67 -0.84 18.82
N GLN A 565 -30.98 -0.34 17.80
CA GLN A 565 -31.61 0.08 16.55
C GLN A 565 -32.31 -1.10 15.89
N TYR A 566 -31.62 -2.24 15.80
CA TYR A 566 -32.22 -3.42 15.21
C TYR A 566 -33.50 -3.82 15.94
N LEU A 567 -33.44 -3.88 17.25
CA LEU A 567 -34.58 -4.33 18.05
C LEU A 567 -35.74 -3.32 18.01
N ALA A 568 -35.42 -2.03 17.86
CA ALA A 568 -36.46 -1.01 17.76
C ALA A 568 -37.17 -1.13 16.41
N LEU A 569 -36.40 -1.40 15.37
CA LEU A 569 -36.95 -1.46 14.02
C LEU A 569 -37.69 -2.75 13.79
N ASN A 570 -37.26 -3.83 14.44
CA ASN A 570 -37.77 -5.18 14.14
C ASN A 570 -38.48 -5.89 15.30
N ASN A 571 -38.33 -5.40 16.53
CA ASN A 571 -38.88 -6.14 17.68
C ASN A 571 -39.64 -5.29 18.71
N GLY A 572 -40.17 -4.15 18.26
CA GLY A 572 -41.01 -3.30 19.09
C GLY A 572 -40.37 -2.66 20.32
N VAL A 573 -39.06 -2.77 20.43
CA VAL A 573 -38.33 -2.15 21.53
C VAL A 573 -38.41 -0.62 21.46
N SER A 574 -38.60 0.02 22.60
CA SER A 574 -38.61 1.47 22.65
C SER A 574 -37.21 2.00 22.98
N PRO A 575 -36.53 2.62 21.99
CA PRO A 575 -35.11 2.89 22.17
C PRO A 575 -34.76 4.21 22.87
N GLN A 576 -35.73 5.05 23.19
CA GLN A 576 -35.45 6.40 23.66
C GLN A 576 -34.53 6.47 24.88
N LEU A 577 -34.90 5.78 25.96
CA LEU A 577 -34.16 5.90 27.21
C LEU A 577 -32.71 5.44 27.07
N GLU A 578 -32.52 4.27 26.47
CA GLU A 578 -31.17 3.74 26.27
C GLU A 578 -30.29 4.66 25.40
N LEU A 579 -30.84 5.17 24.30
CA LEU A 579 -29.99 5.98 23.41
C LEU A 579 -29.67 7.30 24.05
N GLU A 580 -30.64 7.87 24.75
CA GLU A 580 -30.42 9.11 25.47
C GLU A 580 -29.27 8.94 26.46
N ASP A 581 -29.25 7.83 27.19
CA ASP A 581 -28.16 7.53 28.13
C ASP A 581 -26.82 7.28 27.44
N LEU A 582 -26.84 6.54 26.33
CA LEU A 582 -25.61 6.21 25.62
C LEU A 582 -24.92 7.44 25.02
N VAL A 583 -25.70 8.41 24.58
CA VAL A 583 -25.13 9.65 24.06
C VAL A 583 -24.31 10.36 25.13
N LYS A 584 -24.83 10.39 26.36
CA LYS A 584 -24.13 11.03 27.49
C LYS A 584 -22.86 10.26 27.85
N GLN A 585 -22.93 8.95 27.70
CA GLN A 585 -21.83 8.04 28.03
C GLN A 585 -20.72 8.03 26.97
N ALA A 586 -21.01 8.52 25.76
CA ALA A 586 -20.04 8.50 24.66
C ALA A 586 -18.69 9.15 25.03
N LYS A 587 -17.60 8.45 24.77
CA LYS A 587 -16.26 8.87 25.18
C LYS A 587 -15.78 10.16 24.50
N ASP A 588 -16.29 10.43 23.31
CA ASP A 588 -15.84 11.59 22.54
C ASP A 588 -16.99 12.11 21.68
N PRO A 589 -16.86 13.33 21.13
CA PRO A 589 -17.97 13.91 20.36
C PRO A 589 -18.42 13.07 19.16
N LEU A 590 -17.46 12.53 18.39
CA LEU A 590 -17.83 11.82 17.17
C LEU A 590 -18.61 10.56 17.50
N THR A 591 -18.25 9.91 18.61
CA THR A 591 -19.02 8.74 19.03
C THR A 591 -20.45 9.16 19.37
N ALA A 592 -20.59 10.26 20.10
CA ALA A 592 -21.92 10.77 20.43
C ALA A 592 -22.70 11.11 19.14
N LEU A 593 -22.02 11.73 18.20
CA LEU A 593 -22.64 12.12 16.95
C LEU A 593 -23.15 10.91 16.17
N ALA A 594 -22.37 9.83 16.15
CA ALA A 594 -22.78 8.58 15.48
C ALA A 594 -24.04 8.02 16.11
N ILE A 595 -24.11 8.07 17.44
CA ILE A 595 -25.29 7.57 18.11
C ILE A 595 -26.49 8.48 17.84
N LEU A 596 -26.26 9.78 17.76
CA LEU A 596 -27.34 10.69 17.43
C LEU A 596 -27.86 10.47 16.00
N ASN A 597 -26.98 10.03 15.10
CA ASN A 597 -27.41 9.72 13.74
C ASN A 597 -28.37 8.53 13.77
N ILE A 598 -28.04 7.54 14.60
CA ILE A 598 -28.90 6.38 14.77
C ILE A 598 -30.25 6.79 15.34
N ALA A 599 -30.23 7.67 16.34
CA ALA A 599 -31.49 8.18 16.89
C ALA A 599 -32.31 8.91 15.82
N THR A 600 -31.65 9.61 14.90
CA THR A 600 -32.36 10.32 13.83
C THR A 600 -33.03 9.31 12.89
N GLN A 601 -32.31 8.24 12.54
CA GLN A 601 -32.90 7.21 11.67
C GLN A 601 -34.15 6.66 12.35
N LEU A 602 -34.04 6.38 13.64
CA LEU A 602 -35.17 5.85 14.40
C LEU A 602 -36.32 6.87 14.53
N HIS A 603 -35.96 8.13 14.79
CA HIS A 603 -36.93 9.22 14.88
C HIS A 603 -37.76 9.28 13.61
N ASP A 604 -37.08 9.29 12.47
CA ASP A 604 -37.71 9.39 11.17
C ASP A 604 -38.56 8.17 10.78
N THR A 605 -38.05 6.97 11.05
CA THR A 605 -38.74 5.76 10.63
C THR A 605 -39.88 5.37 11.58
N LEU A 606 -39.68 5.57 12.88
CA LEU A 606 -40.63 5.09 13.88
C LEU A 606 -41.51 6.21 14.43
N GLY A 607 -41.19 7.45 14.09
CA GLY A 607 -41.99 8.59 14.52
C GLY A 607 -41.96 8.77 16.02
N ILE A 608 -40.76 8.79 16.59
CA ILE A 608 -40.56 8.95 18.03
C ILE A 608 -39.60 10.09 18.32
N ALA A 609 -39.79 10.76 19.45
CA ALA A 609 -38.89 11.84 19.85
C ALA A 609 -37.84 11.34 20.85
N PHE A 610 -36.70 12.03 20.88
CA PHE A 610 -35.62 11.76 21.81
C PHE A 610 -35.35 13.06 22.54
N ASN A 611 -35.28 12.98 23.86
CA ASN A 611 -34.92 14.14 24.68
C ASN A 611 -33.43 14.13 25.00
N ILE A 612 -32.64 14.76 24.15
CA ILE A 612 -31.18 14.72 24.28
C ILE A 612 -30.68 15.84 25.17
N GLU A 613 -29.91 15.51 26.20
CA GLU A 613 -29.24 16.52 27.01
C GLU A 613 -27.83 16.11 27.38
N LEU A 614 -26.85 16.97 27.12
CA LEU A 614 -26.93 17.99 26.07
C LEU A 614 -26.02 17.55 24.93
N TRP A 618 -15.70 16.67 26.77
CA TRP A 618 -15.83 17.43 25.54
C TRP A 618 -17.10 18.27 25.50
N SER A 631 -11.75 29.07 16.66
CA SER A 631 -12.98 28.74 17.39
C SER A 631 -14.16 28.69 16.43
N PHE A 632 -13.89 28.95 15.16
CA PHE A 632 -14.87 28.70 14.10
C PHE A 632 -15.13 27.19 14.06
N HIS A 633 -14.10 26.44 14.43
CA HIS A 633 -14.19 24.99 14.54
C HIS A 633 -15.11 24.59 15.68
N LYS A 634 -14.96 25.24 16.83
CA LYS A 634 -15.78 24.93 17.99
C LYS A 634 -17.25 25.23 17.72
N ARG A 635 -17.50 26.33 17.00
CA ARG A 635 -18.85 26.69 16.60
C ARG A 635 -19.42 25.63 15.66
N THR A 636 -18.60 25.16 14.74
CA THR A 636 -19.05 24.17 13.76
C THR A 636 -19.47 22.87 14.44
N VAL A 637 -18.62 22.35 15.30
CA VAL A 637 -18.92 21.10 16.01
C VAL A 637 -20.12 21.27 16.93
N ASP A 638 -20.19 22.42 17.60
CA ASP A 638 -21.31 22.72 18.49
C ASP A 638 -22.63 22.78 17.73
N GLY A 639 -22.59 23.30 16.51
CA GLY A 639 -23.78 23.38 15.69
C GLY A 639 -24.35 22.02 15.33
N TRP A 640 -23.47 21.04 15.10
CA TRP A 640 -23.93 19.69 14.81
C TRP A 640 -24.82 19.16 15.93
N PHE A 641 -24.35 19.29 17.17
CA PHE A 641 -25.11 18.76 18.28
C PHE A 641 -26.38 19.54 18.56
N LYS A 642 -26.31 20.85 18.45
CA LYS A 642 -27.49 21.70 18.62
C LYS A 642 -28.55 21.31 17.57
N ALA A 643 -28.10 21.14 16.33
CA ALA A 643 -29.01 20.74 15.26
C ALA A 643 -29.72 19.41 15.58
N ARG A 644 -28.98 18.45 16.12
CA ARG A 644 -29.54 17.13 16.43
C ARG A 644 -30.48 17.23 17.64
N MET A 645 -30.07 17.95 18.68
CA MET A 645 -30.96 18.10 19.84
C MET A 645 -32.27 18.80 19.44
N ASP A 646 -32.17 19.88 18.67
CA ASP A 646 -33.37 20.63 18.27
C ASP A 646 -34.34 19.77 17.44
N TYR A 647 -33.81 18.95 16.54
CA TYR A 647 -34.64 18.14 15.67
C TYR A 647 -35.31 16.97 16.37
N LEU A 648 -34.55 16.23 17.17
CA LEU A 648 -35.04 14.98 17.77
C LEU A 648 -36.12 15.16 18.83
N LYS A 649 -36.19 16.34 19.44
CA LYS A 649 -37.10 16.56 20.57
C LYS A 649 -38.58 16.51 20.19
N ASN A 650 -38.89 16.72 18.91
CA ASN A 650 -40.27 16.69 18.42
C ASN A 650 -40.42 15.65 17.33
N ILE A 651 -41.53 14.93 17.34
CA ILE A 651 -41.83 14.01 16.25
C ILE A 651 -42.07 14.78 14.95
N LYS B 42 26.77 13.60 26.38
CA LYS B 42 26.63 12.51 27.32
C LYS B 42 26.35 11.17 26.62
N ARG B 43 25.75 11.22 25.42
CA ARG B 43 25.44 10.00 24.67
C ARG B 43 26.13 9.97 23.29
N PRO B 44 26.57 8.77 22.84
CA PRO B 44 27.31 8.66 21.59
C PRO B 44 26.43 8.84 20.34
N ASN B 45 27.01 9.31 19.24
CA ASN B 45 26.28 9.31 17.98
C ASN B 45 26.54 8.00 17.25
N PHE B 46 25.69 7.65 16.29
CA PHE B 46 25.93 6.46 15.47
C PHE B 46 25.80 6.78 14.00
N VAL B 47 26.71 6.23 13.20
CA VAL B 47 26.59 6.34 11.75
C VAL B 47 26.73 4.94 11.15
N TRP B 48 25.80 4.59 10.28
CA TRP B 48 25.87 3.34 9.50
C TRP B 48 26.11 3.67 8.03
N LEU B 49 27.30 3.37 7.54
CA LEU B 49 27.63 3.56 6.12
C LEU B 49 27.46 2.22 5.41
N VAL B 50 26.53 2.13 4.48
CA VAL B 50 26.15 0.82 3.93
C VAL B 50 26.30 0.76 2.42
N SER B 51 27.12 -0.16 1.94
CA SER B 51 27.18 -0.43 0.51
C SER B 51 26.30 -1.63 0.16
N GLU B 52 25.67 -1.60 -1.00
CA GLU B 52 24.76 -2.68 -1.36
C GLU B 52 25.48 -3.90 -1.92
N ASP B 53 25.06 -5.08 -1.45
CA ASP B 53 25.28 -6.35 -2.12
C ASP B 53 26.72 -6.90 -2.08
N ASN B 54 27.64 -6.28 -1.35
CA ASN B 54 29.05 -6.68 -1.50
C ASN B 54 29.70 -7.44 -0.34
N SER B 55 30.46 -8.48 -0.70
CA SER B 55 31.23 -9.31 0.23
C SER B 55 32.64 -8.78 0.46
N LYS B 56 33.32 -9.33 1.47
CA LYS B 56 34.57 -8.74 1.92
C LYS B 56 35.76 -8.97 0.97
N ARG B 57 35.68 -9.97 0.09
CA ARG B 57 36.86 -10.33 -0.72
C ARG B 57 37.25 -9.25 -1.72
N TYR B 58 36.31 -8.35 -2.01
CA TYR B 58 36.56 -7.30 -2.99
C TYR B 58 37.31 -6.09 -2.40
N LEU B 59 37.59 -6.14 -1.09
CA LEU B 59 38.29 -5.05 -0.39
C LEU B 59 39.71 -5.44 -0.03
N LYS B 60 40.67 -4.56 -0.36
CA LYS B 60 42.08 -4.78 0.00
C LYS B 60 42.26 -4.96 1.51
N LEU B 61 41.37 -4.35 2.28
CA LEU B 61 41.37 -4.49 3.72
C LEU B 61 41.32 -5.95 4.14
N TYR B 62 40.69 -6.77 3.32
CA TYR B 62 40.49 -8.17 3.66
C TYR B 62 41.22 -9.14 2.74
N ASN B 63 41.56 -8.68 1.55
CA ASN B 63 42.06 -9.56 0.52
C ASN B 63 43.17 -8.87 -0.29
N ALA B 64 44.30 -9.55 -0.44
CA ALA B 64 45.46 -8.97 -1.12
C ALA B 64 45.15 -8.54 -2.54
N LYS B 65 44.16 -9.19 -3.15
CA LYS B 65 43.77 -8.87 -4.51
C LYS B 65 42.47 -8.04 -4.56
N GLY B 66 42.08 -7.45 -3.44
CA GLY B 66 40.90 -6.60 -3.38
C GLY B 66 41.19 -5.15 -3.77
N ALA B 67 40.15 -4.32 -3.77
CA ALA B 67 40.30 -2.93 -4.20
C ALA B 67 40.82 -2.03 -3.10
N GLU B 68 41.81 -1.21 -3.43
CA GLU B 68 42.30 -0.16 -2.53
C GLU B 68 41.13 0.78 -2.23
N MET B 69 40.88 1.03 -0.93
CA MET B 69 39.79 1.91 -0.51
C MET B 69 40.27 2.80 0.63
N PRO B 70 40.90 3.94 0.29
CA PRO B 70 41.61 4.76 1.29
C PRO B 70 40.71 5.24 2.43
N ASN B 71 39.49 5.62 2.08
CA ASN B 71 38.59 6.21 3.08
C ASN B 71 38.13 5.20 4.13
N ILE B 72 37.74 4.01 3.69
CA ILE B 72 37.38 2.95 4.62
C ILE B 72 38.59 2.48 5.40
N GLU B 73 39.74 2.38 4.74
CA GLU B 73 40.95 1.95 5.41
C GLU B 73 41.35 2.97 6.48
N SER B 74 41.04 4.24 6.26
CA SER B 74 41.29 5.29 7.26
C SER B 74 40.40 5.10 8.50
N LEU B 75 39.13 4.76 8.30
CA LEU B 75 38.25 4.39 9.41
C LEU B 75 38.83 3.27 10.25
N ALA B 76 39.47 2.32 9.57
CA ALA B 76 40.00 1.13 10.23
C ALA B 76 41.19 1.45 11.12
N LYS B 77 41.89 2.55 10.83
CA LYS B 77 43.09 2.92 11.59
C LYS B 77 42.80 3.11 13.08
N GLN B 78 41.65 3.69 13.41
CA GLN B 78 41.23 3.78 14.81
C GLN B 78 39.93 2.99 14.98
N GLY B 79 39.94 1.76 14.47
CA GLY B 79 38.72 0.98 14.45
C GLY B 79 38.87 -0.52 14.63
N LEU B 80 37.73 -1.16 14.83
CA LEU B 80 37.64 -2.61 14.88
C LEU B 80 37.36 -3.11 13.47
N VAL B 81 38.19 -4.03 13.00
CA VAL B 81 37.98 -4.62 11.69
C VAL B 81 37.50 -6.05 11.91
N PHE B 82 36.25 -6.30 11.56
CA PHE B 82 35.65 -7.60 11.82
C PHE B 82 35.89 -8.54 10.65
N ASN B 83 36.50 -9.68 10.95
CA ASN B 83 36.81 -10.68 9.92
C ASN B 83 35.67 -11.67 9.63
N ASN B 84 34.70 -11.73 10.53
CA ASN B 84 33.62 -12.70 10.40
C ASN B 84 32.24 -12.10 10.68
N ALA B 85 31.92 -11.04 9.94
CA ALA B 85 30.59 -10.44 9.97
C ALA B 85 29.72 -11.06 8.88
N PHE B 86 28.47 -11.35 9.23
CA PHE B 86 27.54 -12.03 8.31
C PHE B 86 26.13 -11.50 8.42
N SER B 87 25.44 -11.39 7.28
CA SER B 87 23.98 -11.24 7.30
C SER B 87 23.36 -12.59 7.66
N ASN B 88 22.07 -12.57 7.96
CA ASN B 88 21.35 -13.80 8.28
C ASN B 88 20.52 -14.27 7.08
N SER B 89 20.64 -13.55 5.97
CA SER B 89 19.96 -13.93 4.72
C SER B 89 20.64 -13.18 3.57
N PRO B 90 20.49 -13.68 2.33
CA PRO B 90 21.36 -13.21 1.25
C PRO B 90 20.71 -12.22 0.27
N VAL B 91 19.86 -11.32 0.76
CA VAL B 91 19.29 -10.32 -0.12
C VAL B 91 18.89 -9.08 0.68
N SER B 92 18.71 -7.95 0.00
CA SER B 92 18.52 -6.67 0.67
C SER B 92 17.35 -6.60 1.67
N SER B 93 16.14 -6.97 1.23
CA SER B 93 14.97 -6.67 2.08
C SER B 93 15.00 -7.49 3.37
N THR B 94 15.36 -8.76 3.28
CA THR B 94 15.36 -9.59 4.48
C THR B 94 16.54 -9.23 5.37
N ALA B 95 17.69 -8.90 4.77
CA ALA B 95 18.83 -8.47 5.60
C ALA B 95 18.59 -7.11 6.27
N ARG B 96 18.01 -6.16 5.54
CA ARG B 96 17.76 -4.85 6.14
C ARG B 96 16.68 -4.93 7.20
N THR B 97 15.72 -5.83 7.01
CA THR B 97 14.71 -6.08 8.02
C THR B 97 15.38 -6.60 9.29
N THR B 98 16.32 -7.51 9.10
CA THR B 98 17.09 -8.06 10.22
C THR B 98 17.89 -6.96 10.95
N LEU B 99 18.59 -6.13 10.18
CA LEU B 99 19.38 -5.06 10.76
C LEU B 99 18.49 -4.17 11.64
N ALA B 100 17.32 -3.83 11.12
CA ALA B 100 16.43 -2.89 11.83
C ALA B 100 15.86 -3.48 13.12
N LEU B 101 15.51 -4.76 13.10
CA LEU B 101 14.78 -5.38 14.21
C LEU B 101 15.66 -6.12 15.22
N GLY B 102 16.86 -6.52 14.84
CA GLY B 102 17.66 -7.34 15.74
C GLY B 102 17.01 -8.69 15.98
N ALA B 103 16.20 -9.11 15.02
CA ALA B 103 15.45 -10.37 15.10
C ALA B 103 15.37 -11.05 13.73
N TYR B 104 15.14 -12.36 13.71
CA TYR B 104 15.00 -13.14 12.47
C TYR B 104 13.70 -12.88 11.70
N PRO B 105 13.80 -12.40 10.45
CA PRO B 105 12.59 -12.27 9.62
C PRO B 105 11.80 -13.57 9.48
N ALA B 106 12.47 -14.73 9.49
CA ALA B 106 11.74 -15.99 9.31
C ALA B 106 10.72 -16.23 10.41
N LYS B 107 10.98 -15.76 11.62
CA LYS B 107 10.01 -16.01 12.69
C LYS B 107 8.89 -14.97 12.65
N LEU B 108 8.97 -14.03 11.73
CA LEU B 108 8.03 -12.90 11.67
C LEU B 108 7.29 -12.83 10.32
N ALA B 109 7.38 -13.90 9.54
CA ALA B 109 6.78 -14.00 8.21
C ALA B 109 7.32 -12.92 7.25
N MET B 110 8.57 -12.52 7.45
CA MET B 110 9.16 -11.45 6.66
C MET B 110 10.35 -11.96 5.83
N GLU B 111 10.35 -13.25 5.51
CA GLU B 111 11.48 -13.86 4.80
C GLU B 111 11.33 -13.84 3.26
N TYR B 112 10.51 -12.93 2.71
CA TYR B 112 10.16 -12.99 1.30
C TYR B 112 10.51 -11.69 0.57
N HIS B 113 11.38 -11.79 -0.44
CA HIS B 113 11.91 -10.64 -1.14
C HIS B 113 11.40 -10.54 -2.59
N ARG B 114 10.73 -9.45 -2.95
CA ARG B 114 10.23 -8.44 -2.01
C ARG B 114 8.85 -8.86 -1.56
N PRO B 115 8.33 -8.27 -0.45
CA PRO B 115 7.11 -8.84 0.11
C PRO B 115 5.90 -8.71 -0.79
N PHE B 116 5.06 -9.73 -0.74
CA PHE B 116 3.73 -9.64 -1.32
C PHE B 116 2.90 -8.78 -0.38
N GLU B 117 3.04 -9.03 0.92
CA GLU B 117 2.41 -8.25 1.96
C GLU B 117 3.41 -7.95 3.05
N ARG B 118 3.56 -6.68 3.42
CA ARG B 118 4.39 -6.35 4.58
C ARG B 118 3.64 -6.71 5.84
N ILE B 119 4.41 -7.08 6.86
CA ILE B 119 3.87 -7.62 8.11
C ILE B 119 3.88 -6.52 9.17
N ASN B 120 2.85 -6.46 10.00
CA ASN B 120 2.82 -5.48 11.08
C ASN B 120 3.71 -5.95 12.23
N LEU B 121 4.48 -5.05 12.83
CA LEU B 121 5.36 -5.47 13.93
C LEU B 121 4.56 -5.87 15.15
N PRO B 122 5.02 -6.89 15.89
CA PRO B 122 4.40 -7.26 17.17
C PRO B 122 4.56 -6.13 18.19
N ARG B 123 3.76 -6.15 19.25
CA ARG B 123 3.72 -5.05 20.22
C ARG B 123 5.08 -4.76 20.85
N GLU B 124 5.80 -5.81 21.23
CA GLU B 124 7.01 -5.65 22.02
C GLU B 124 8.30 -5.56 21.20
N LEU B 125 8.17 -5.37 19.89
CA LEU B 125 9.34 -5.27 19.02
C LEU B 125 9.24 -4.09 18.08
N SER B 126 10.29 -3.27 18.05
CA SER B 126 10.33 -2.20 17.06
C SER B 126 11.71 -2.05 16.44
N THR B 127 11.85 -1.05 15.57
CA THR B 127 13.11 -0.81 14.86
C THR B 127 14.10 -0.04 15.73
N ILE B 128 15.39 -0.13 15.39
CA ILE B 128 16.41 0.59 16.16
C ILE B 128 16.25 2.11 15.94
N SER B 129 15.84 2.53 14.75
CA SER B 129 15.63 3.95 14.51
C SER B 129 14.47 4.46 15.36
N ASP B 130 13.44 3.66 15.50
CA ASP B 130 12.30 4.04 16.34
C ASP B 130 12.69 4.13 17.81
N TYR B 131 13.36 3.08 18.31
CA TYR B 131 13.82 3.07 19.70
C TYR B 131 14.68 4.29 20.01
N LEU B 132 15.58 4.61 19.09
CA LEU B 132 16.50 5.72 19.32
C LEU B 132 15.75 7.04 19.22
N THR B 133 14.83 7.14 18.26
CA THR B 133 14.05 8.37 18.10
C THR B 133 13.24 8.63 19.38
N LYS B 134 12.61 7.58 19.90
CA LYS B 134 11.84 7.71 21.13
C LYS B 134 12.72 8.04 22.34
N ALA B 135 14.01 7.73 22.25
CA ALA B 135 14.96 8.06 23.32
C ALA B 135 15.56 9.47 23.16
N GLY B 136 15.14 10.20 22.14
CA GLY B 136 15.59 11.57 21.97
C GLY B 136 16.65 11.77 20.92
N TYR B 137 17.03 10.69 20.23
CA TYR B 137 18.00 10.81 19.14
C TYR B 137 17.38 11.48 17.93
N TYR B 138 18.19 12.24 17.21
CA TYR B 138 17.81 12.67 15.86
C TYR B 138 18.24 11.60 14.87
N THR B 139 17.26 10.99 14.20
CA THR B 139 17.57 9.87 13.32
C THR B 139 17.30 10.21 11.86
N SER B 140 18.32 10.03 11.04
CA SER B 140 18.19 10.32 9.62
C SER B 140 18.55 9.10 8.78
N ASN B 141 17.81 8.89 7.70
CA ASN B 141 18.05 7.79 6.78
C ASN B 141 18.05 8.31 5.34
N ASP B 142 19.18 8.10 4.66
CA ASP B 142 19.33 8.48 3.25
C ASP B 142 19.83 7.30 2.40
N ALA B 143 18.93 6.58 1.75
CA ALA B 143 17.49 6.80 1.86
C ALA B 143 16.76 5.46 1.75
N LYS B 144 17.49 4.43 1.31
CA LYS B 144 16.87 3.14 1.06
C LYS B 144 16.38 2.53 2.38
N GLU B 145 15.16 1.99 2.36
CA GLU B 145 14.61 1.31 3.54
C GLU B 145 14.51 -0.17 3.28
N ASP B 146 13.57 -0.53 2.39
CA ASP B 146 13.40 -1.91 1.95
C ASP B 146 13.05 -2.82 3.13
N TYR B 147 12.13 -2.38 3.97
CA TYR B 147 11.69 -3.16 5.13
C TYR B 147 10.58 -4.13 4.72
N ASN B 148 10.49 -5.27 5.40
CA ASN B 148 9.40 -6.20 5.10
C ASN B 148 8.29 -6.12 6.15
N PHE B 149 8.43 -5.13 7.03
CA PHE B 149 7.35 -4.76 7.95
C PHE B 149 6.74 -3.41 7.58
N VAL B 150 5.53 -3.17 8.06
CA VAL B 150 4.96 -1.83 8.01
C VAL B 150 5.73 -0.95 9.00
N SER B 151 6.17 0.22 8.56
CA SER B 151 6.96 1.10 9.40
C SER B 151 6.21 1.62 10.62
N PRO B 152 6.91 1.74 11.75
CA PRO B 152 6.34 2.45 12.90
C PRO B 152 6.02 3.90 12.54
N GLU B 153 5.09 4.54 13.25
CA GLU B 153 4.93 5.98 13.10
C GLU B 153 6.21 6.63 13.61
N ASN B 154 6.64 7.72 12.95
CA ASN B 154 7.85 8.45 13.34
C ASN B 154 9.07 7.54 13.44
N ASN B 155 9.18 6.62 12.48
CA ASN B 155 10.26 5.66 12.43
C ASN B 155 11.62 6.35 12.34
N TRP B 156 11.65 7.44 11.59
CA TRP B 156 12.84 8.29 11.47
C TRP B 156 12.47 9.74 11.72
N SER B 157 13.40 10.53 12.23
CA SER B 157 13.21 11.99 12.23
C SER B 157 13.08 12.45 10.79
N SER B 158 13.91 11.90 9.92
CA SER B 158 13.86 12.21 8.49
C SER B 158 14.40 11.07 7.66
N SER B 159 13.60 10.58 6.73
CA SER B 159 14.05 9.50 5.84
C SER B 159 13.70 9.87 4.40
N LYS B 160 14.69 10.37 3.67
CA LYS B 160 14.53 10.81 2.30
C LYS B 160 15.90 11.14 1.72
N LYS B 161 15.98 11.24 0.40
CA LYS B 161 17.21 11.71 -0.22
C LYS B 161 17.64 13.04 0.40
N GLY B 162 18.88 13.09 0.87
CA GLY B 162 19.42 14.31 1.45
C GLY B 162 19.27 14.44 2.96
N ALA B 163 18.51 13.52 3.58
CA ALA B 163 18.38 13.54 5.03
C ALA B 163 19.76 13.41 5.70
N SER B 164 19.95 14.13 6.79
CA SER B 164 21.29 14.36 7.34
C SER B 164 21.24 14.62 8.84
N TRP B 165 22.36 14.41 9.53
CA TRP B 165 22.44 14.71 10.97
C TRP B 165 22.43 16.21 11.26
N HIS B 166 22.65 17.00 10.21
CA HIS B 166 22.81 18.45 10.35
C HIS B 166 21.59 19.17 10.95
N ASN B 167 20.42 18.57 10.84
CA ASN B 167 19.21 19.24 11.29
C ASN B 167 18.81 18.94 12.73
N ARG B 168 19.70 18.27 13.46
CA ARG B 168 19.49 18.00 14.89
C ARG B 168 19.65 19.29 15.70
N LYS B 169 19.02 19.33 16.87
CA LYS B 169 19.21 20.44 17.81
C LYS B 169 20.56 20.26 18.50
N ALA B 170 21.14 21.37 18.98
CA ALA B 170 22.41 21.28 19.69
C ALA B 170 22.29 20.34 20.89
N GLY B 171 23.33 19.57 21.13
CA GLY B 171 23.35 18.63 22.24
C GLY B 171 22.54 17.36 22.02
N GLN B 172 21.81 17.28 20.91
CA GLN B 172 21.01 16.10 20.60
C GLN B 172 21.86 15.04 19.88
N PRO B 173 21.96 13.83 20.46
CA PRO B 173 22.76 12.80 19.76
C PRO B 173 22.05 12.33 18.48
N PHE B 174 22.79 11.81 17.52
CA PHE B 174 22.16 11.39 16.28
C PHE B 174 22.53 9.97 15.84
N PHE B 175 21.67 9.43 14.98
CA PHE B 175 21.86 8.15 14.29
C PHE B 175 21.57 8.43 12.83
N HIS B 176 22.61 8.36 12.00
CA HIS B 176 22.47 8.57 10.56
C HIS B 176 22.79 7.29 9.80
N MET B 177 21.86 6.84 8.95
CA MET B 177 22.08 5.69 8.09
C MET B 177 22.06 6.11 6.63
N GLN B 178 23.06 5.65 5.88
CA GLN B 178 23.14 6.02 4.48
C GLN B 178 23.57 4.84 3.65
N THR B 179 22.89 4.67 2.51
CA THR B 179 23.15 3.57 1.60
C THR B 179 23.69 4.07 0.27
N TRP B 180 24.71 3.39 -0.24
CA TRP B 180 25.20 3.65 -1.60
C TRP B 180 24.87 2.46 -2.50
N LYS B 181 24.31 2.73 -3.67
CA LYS B 181 23.90 1.68 -4.61
C LYS B 181 25.00 1.36 -5.62
N THR B 182 26.16 1.97 -5.45
CA THR B 182 27.26 1.85 -6.40
C THR B 182 27.70 0.40 -6.67
N THR B 183 27.56 -0.44 -5.66
CA THR B 183 27.97 -1.84 -5.72
C THR B 183 26.79 -2.82 -5.86
N HIS B 184 25.63 -2.28 -6.24
CA HIS B 184 24.43 -3.09 -6.42
C HIS B 184 24.55 -4.05 -7.61
N GLU B 185 23.88 -5.19 -7.51
CA GLU B 185 23.88 -6.23 -8.56
C GLU B 185 23.60 -5.70 -9.97
N GLY B 186 22.71 -4.71 -10.08
CA GLY B 186 22.34 -4.18 -11.38
C GLY B 186 23.51 -3.60 -12.16
N LYS B 187 24.52 -3.14 -11.44
CA LYS B 187 25.71 -2.58 -12.06
C LYS B 187 26.55 -3.65 -12.76
N LEU B 188 26.25 -4.94 -12.52
CA LEU B 188 26.94 -6.01 -13.23
C LEU B 188 26.06 -6.55 -14.34
N HIS B 189 25.03 -5.79 -14.73
CA HIS B 189 24.16 -6.26 -15.80
C HIS B 189 24.52 -5.65 -17.16
N PHE B 190 25.77 -5.25 -17.30
CA PHE B 190 26.30 -4.70 -18.55
C PHE B 190 26.25 -5.73 -19.69
N PRO B 191 26.26 -5.24 -20.94
CA PRO B 191 26.30 -6.17 -22.08
C PRO B 191 27.66 -6.88 -22.18
N GLU B 192 27.64 -8.13 -22.63
CA GLU B 192 28.86 -8.93 -22.72
C GLU B 192 29.91 -8.30 -23.65
N SER B 193 29.43 -7.51 -24.61
CA SER B 193 30.32 -6.81 -25.54
C SER B 193 31.25 -5.81 -24.84
N ASP B 194 30.96 -5.50 -23.58
CA ASP B 194 31.80 -4.61 -22.80
C ASP B 194 33.21 -5.15 -22.59
N ILE B 195 33.36 -6.48 -22.63
CA ILE B 195 34.69 -7.06 -22.45
C ILE B 195 35.64 -6.57 -23.55
N GLU B 196 35.08 -6.30 -24.73
CA GLU B 196 35.84 -5.71 -25.83
C GLU B 196 35.82 -4.17 -25.86
N ASN B 197 34.69 -3.58 -25.46
CA ASN B 197 34.45 -2.15 -25.69
C ASN B 197 34.72 -1.19 -24.51
N LEU B 198 34.73 -1.71 -23.29
CA LEU B 198 34.98 -0.86 -22.11
C LEU B 198 36.05 -1.50 -21.24
N SER B 199 37.11 -0.77 -20.95
CA SER B 199 38.17 -1.35 -20.14
C SER B 199 37.95 -1.05 -18.67
N THR B 200 38.61 -1.81 -17.82
CA THR B 200 38.47 -1.62 -16.39
C THR B 200 39.74 -1.01 -15.85
N ILE B 201 39.66 -0.43 -14.66
CA ILE B 201 40.84 0.13 -14.02
C ILE B 201 41.66 -0.99 -13.39
N HIS B 202 41.00 -1.90 -12.68
CA HIS B 202 41.66 -3.08 -12.12
C HIS B 202 41.91 -4.07 -13.24
N ASN B 203 42.95 -4.87 -13.07
CA ASN B 203 43.42 -5.78 -14.11
C ASN B 203 42.68 -7.11 -14.09
N PRO B 204 41.85 -7.38 -15.10
CA PRO B 204 41.10 -8.65 -15.09
C PRO B 204 42.02 -9.87 -15.27
N ASN B 205 43.17 -9.67 -15.92
CA ASN B 205 44.05 -10.80 -16.15
C ASN B 205 44.66 -11.34 -14.86
N SER B 206 44.68 -10.54 -13.81
CA SER B 206 45.28 -10.98 -12.55
C SER B 206 44.22 -11.46 -11.55
N VAL B 207 42.96 -11.47 -11.96
CA VAL B 207 41.88 -11.93 -11.08
C VAL B 207 42.02 -13.42 -10.75
N GLU B 208 41.95 -13.74 -9.46
CA GLU B 208 41.91 -15.11 -8.98
C GLU B 208 40.48 -15.47 -8.55
N LEU B 209 39.79 -16.24 -9.40
CA LEU B 209 38.35 -16.48 -9.24
C LEU B 209 37.99 -17.49 -8.15
N ASP B 210 36.77 -17.36 -7.64
CA ASP B 210 36.14 -18.36 -6.80
C ASP B 210 36.20 -19.71 -7.53
N PRO B 211 36.53 -20.81 -6.82
CA PRO B 211 36.60 -22.10 -7.51
C PRO B 211 35.30 -22.59 -8.15
N ILE B 212 34.12 -22.09 -7.76
CA ILE B 212 32.89 -22.59 -8.41
C ILE B 212 32.68 -21.89 -9.75
N HIS B 213 33.53 -20.91 -10.07
CA HIS B 213 33.37 -20.16 -11.31
C HIS B 213 34.23 -20.72 -12.44
N PRO B 214 33.73 -20.67 -13.68
CA PRO B 214 34.62 -20.99 -14.80
C PRO B 214 35.67 -19.90 -15.01
N ASN B 215 36.88 -20.29 -15.33
CA ASN B 215 37.96 -19.32 -15.47
C ASN B 215 37.95 -18.70 -16.86
N THR B 216 37.03 -17.76 -17.08
CA THR B 216 36.80 -17.22 -18.41
C THR B 216 37.11 -15.73 -18.48
N GLU B 217 37.32 -15.25 -19.70
CA GLU B 217 37.49 -13.81 -19.93
C GLU B 217 36.36 -12.99 -19.29
N LEU B 218 35.13 -13.44 -19.48
CA LEU B 218 33.95 -12.75 -18.97
C LEU B 218 33.89 -12.73 -17.44
N PHE B 219 34.22 -13.85 -16.79
CA PHE B 219 34.17 -13.88 -15.33
C PHE B 219 35.28 -13.00 -14.74
N ARG B 220 36.47 -13.04 -15.32
CA ARG B 220 37.56 -12.21 -14.80
C ARG B 220 37.22 -10.73 -15.01
N TYR B 221 36.66 -10.42 -16.18
CA TYR B 221 36.25 -9.05 -16.49
C TYR B 221 35.18 -8.56 -15.52
N THR B 222 34.19 -9.40 -15.26
CA THR B 222 33.11 -9.03 -14.34
C THR B 222 33.65 -8.75 -12.94
N TYR B 223 34.55 -9.61 -12.46
CA TYR B 223 35.19 -9.43 -11.17
C TYR B 223 35.91 -8.10 -11.11
N ALA B 224 36.66 -7.82 -12.17
CA ALA B 224 37.38 -6.56 -12.28
C ALA B 224 36.41 -5.37 -12.24
N ARG B 225 35.29 -5.47 -12.95
CA ARG B 225 34.26 -4.42 -12.94
C ARG B 225 33.79 -4.17 -11.51
N TYR B 226 33.65 -5.23 -10.73
CA TYR B 226 33.15 -5.08 -9.37
C TYR B 226 34.21 -4.42 -8.49
N LEU B 227 35.47 -4.79 -8.70
CA LEU B 227 36.55 -4.14 -7.99
C LEU B 227 36.55 -2.65 -8.28
N ASP B 228 36.31 -2.28 -9.53
CA ASP B 228 36.24 -0.86 -9.90
C ASP B 228 35.16 -0.12 -9.11
N LEU B 229 34.01 -0.78 -8.93
CA LEU B 229 32.91 -0.18 -8.20
C LEU B 229 33.24 0.04 -6.74
N HIS B 230 34.07 -0.83 -6.18
CA HIS B 230 34.51 -0.66 -4.81
C HIS B 230 35.37 0.59 -4.67
N LYS B 231 36.20 0.86 -5.67
CA LYS B 231 37.00 2.07 -5.66
C LYS B 231 36.06 3.28 -5.68
N LYS B 232 35.04 3.23 -6.54
CA LYS B 232 34.12 4.34 -6.67
C LYS B 232 33.32 4.60 -5.39
N VAL B 233 32.80 3.55 -4.78
CA VAL B 233 31.93 3.72 -3.61
C VAL B 233 32.76 4.19 -2.40
N ASP B 234 34.04 3.86 -2.33
CA ASP B 234 34.89 4.37 -1.26
C ASP B 234 35.00 5.90 -1.35
N LYS B 235 35.14 6.40 -2.57
CA LYS B 235 35.24 7.83 -2.81
C LYS B 235 33.96 8.52 -2.33
N GLU B 236 32.83 7.94 -2.72
CA GLU B 236 31.54 8.48 -2.34
C GLU B 236 31.35 8.48 -0.84
N MET B 237 31.75 7.41 -0.16
CA MET B 237 31.58 7.36 1.28
C MET B 237 32.51 8.32 1.99
N GLY B 238 33.65 8.60 1.38
CA GLY B 238 34.59 9.56 1.94
C GLY B 238 33.99 10.94 2.11
N VAL B 239 33.04 11.29 1.24
CA VAL B 239 32.33 12.57 1.33
C VAL B 239 31.69 12.74 2.70
N VAL B 240 30.98 11.70 3.13
CA VAL B 240 30.27 11.75 4.41
C VAL B 240 31.25 11.68 5.58
N ILE B 241 32.26 10.83 5.46
CA ILE B 241 33.29 10.73 6.49
C ILE B 241 34.04 12.06 6.66
N ASN B 242 34.32 12.73 5.55
CA ASN B 242 35.06 13.99 5.63
C ASN B 242 34.23 15.09 6.27
N GLN B 243 32.91 15.07 6.05
CA GLN B 243 32.02 16.01 6.71
C GLN B 243 32.08 15.83 8.23
N LEU B 244 32.00 14.58 8.67
CA LEU B 244 32.08 14.25 10.10
C LEU B 244 33.40 14.71 10.69
N LYS B 245 34.48 14.54 9.94
CA LYS B 245 35.81 14.97 10.37
C LYS B 245 35.87 16.49 10.50
N GLU B 246 35.49 17.19 9.43
CA GLU B 246 35.51 18.65 9.40
C GLU B 246 34.65 19.25 10.51
N GLU B 247 33.53 18.59 10.83
CA GLU B 247 32.60 19.11 11.83
C GLU B 247 32.99 18.74 13.26
N GLY B 248 34.13 18.07 13.43
CA GLY B 248 34.61 17.71 14.75
C GLY B 248 33.78 16.64 15.45
N LEU B 249 33.19 15.73 14.66
CA LEU B 249 32.27 14.74 15.21
C LEU B 249 32.87 13.33 15.31
N LEU B 250 34.03 13.11 14.70
CA LEU B 250 34.63 11.79 14.68
C LEU B 250 34.74 11.17 16.06
N GLU B 251 35.21 11.94 17.04
CA GLU B 251 35.51 11.34 18.32
C GLU B 251 34.32 11.34 19.24
N ASP B 252 33.15 11.67 18.71
CA ASP B 252 31.89 11.49 19.44
C ASP B 252 31.00 10.43 18.80
N THR B 253 31.44 9.84 17.69
CA THR B 253 30.56 9.03 16.85
C THR B 253 31.13 7.64 16.56
N PHE B 254 30.34 6.59 16.82
CA PHE B 254 30.67 5.25 16.35
C PHE B 254 30.33 5.15 14.86
N ILE B 255 31.34 4.91 14.04
CA ILE B 255 31.10 4.85 12.61
C ILE B 255 31.23 3.42 12.09
N PHE B 256 30.09 2.88 11.66
CA PHE B 256 30.04 1.55 11.07
C PHE B 256 30.13 1.63 9.55
N TYR B 257 31.02 0.85 8.94
CA TYR B 257 30.92 0.60 7.51
C TYR B 257 30.63 -0.88 7.28
N PHE B 258 29.62 -1.22 6.46
CA PHE B 258 29.41 -2.62 6.10
C PHE B 258 28.62 -2.78 4.80
N GLY B 259 28.67 -3.98 4.22
CA GLY B 259 27.81 -4.32 3.08
C GLY B 259 26.49 -4.87 3.62
N ASP B 260 25.42 -4.79 2.84
CA ASP B 260 24.13 -5.18 3.42
C ASP B 260 23.78 -6.65 3.21
N HIS B 261 24.69 -7.42 2.59
CA HIS B 261 24.69 -8.89 2.55
C HIS B 261 25.79 -9.31 1.57
N GLY B 262 26.06 -10.61 1.45
CA GLY B 262 27.14 -11.07 0.59
C GLY B 262 26.80 -10.98 -0.89
N GLY B 263 27.81 -10.78 -1.73
CA GLY B 263 27.63 -10.74 -3.18
C GLY B 263 28.79 -10.06 -3.87
N VAL B 264 28.68 -9.85 -5.19
CA VAL B 264 27.45 -10.14 -5.93
C VAL B 264 27.71 -10.84 -7.27
N LEU B 265 28.88 -11.46 -7.40
CA LEU B 265 29.15 -12.32 -8.57
C LEU B 265 28.29 -13.59 -8.45
N PRO B 266 28.22 -14.40 -9.53
CA PRO B 266 27.29 -15.53 -9.47
C PRO B 266 27.49 -16.49 -8.31
N GLY B 267 26.38 -17.04 -7.82
CA GLY B 267 26.38 -18.00 -6.74
C GLY B 267 26.43 -17.41 -5.34
N SER B 268 26.22 -16.09 -5.23
CA SER B 268 26.34 -15.42 -3.93
C SER B 268 24.97 -14.95 -3.43
N LYS B 269 24.63 -13.71 -3.76
CA LYS B 269 23.30 -13.15 -3.48
C LYS B 269 22.18 -14.11 -3.88
N GLY B 270 21.26 -14.37 -2.96
CA GLY B 270 20.22 -15.35 -3.19
C GLY B 270 20.47 -16.73 -2.59
N PHE B 271 21.67 -16.94 -2.04
CA PHE B 271 22.01 -18.26 -1.51
C PHE B 271 22.68 -18.16 -0.15
N VAL B 272 22.47 -19.16 0.70
CA VAL B 272 23.02 -19.10 2.05
C VAL B 272 24.36 -19.85 2.13
N SER B 273 25.04 -19.93 0.99
CA SER B 273 26.47 -20.17 1.00
C SER B 273 27.09 -18.97 1.73
N GLU B 274 28.32 -19.11 2.21
CA GLU B 274 28.98 -17.96 2.85
C GLU B 274 29.10 -16.78 1.87
N ARG B 275 29.08 -17.08 0.58
CA ARG B 275 29.15 -16.06 -0.47
C ARG B 275 27.99 -15.04 -0.37
N GLY B 276 26.83 -15.52 0.05
CA GLY B 276 25.65 -14.66 0.13
C GLY B 276 25.54 -13.95 1.48
N LEU B 277 26.44 -14.25 2.39
CA LEU B 277 26.30 -13.81 3.79
C LEU B 277 27.44 -12.95 4.31
N ASN B 278 28.68 -13.22 3.89
CA ASN B 278 29.82 -12.51 4.46
C ASN B 278 29.91 -11.07 3.94
N VAL B 279 30.18 -10.13 4.85
CA VAL B 279 30.28 -8.73 4.48
C VAL B 279 31.46 -8.11 5.20
N PRO B 280 32.04 -7.05 4.61
CA PRO B 280 32.99 -6.27 5.39
C PRO B 280 32.26 -5.59 6.55
N LEU B 281 32.94 -5.42 7.67
CA LEU B 281 32.43 -4.61 8.78
C LEU B 281 33.58 -3.95 9.49
N VAL B 282 33.55 -2.62 9.50
CA VAL B 282 34.55 -1.80 10.21
C VAL B 282 33.79 -0.88 11.16
N VAL B 283 34.23 -0.80 12.42
CA VAL B 283 33.66 0.16 13.36
C VAL B 283 34.74 1.11 13.90
N ARG B 284 34.71 2.38 13.51
CA ARG B 284 35.65 3.34 14.10
C ARG B 284 35.14 3.76 15.47
N VAL B 285 35.94 3.50 16.49
CA VAL B 285 35.59 3.77 17.88
C VAL B 285 36.00 5.21 18.24
N PRO B 286 35.01 6.05 18.63
CA PRO B 286 35.29 7.46 18.96
C PRO B 286 36.05 7.61 20.29
N LYS B 287 37.03 8.50 20.33
CA LYS B 287 37.87 8.65 21.51
C LYS B 287 37.04 8.94 22.77
N ASN B 288 36.03 9.79 22.64
CA ASN B 288 35.25 10.21 23.79
C ASN B 288 34.28 9.17 24.35
N PHE B 289 34.17 8.00 23.71
CA PHE B 289 33.29 6.99 24.28
C PHE B 289 33.97 5.63 24.39
N ARG B 290 35.30 5.63 24.37
CA ARG B 290 36.06 4.41 24.65
C ARG B 290 35.67 3.79 25.97
N HIS B 291 35.29 4.66 26.92
CA HIS B 291 34.91 4.19 28.25
C HIS B 291 33.65 3.31 28.25
N LEU B 292 32.90 3.30 27.15
CA LEU B 292 31.75 2.39 27.05
C LEU B 292 32.21 0.97 26.71
N LEU B 293 33.45 0.84 26.25
CA LEU B 293 33.97 -0.44 25.78
C LEU B 293 35.08 -0.99 26.67
N HIS B 294 35.15 -2.32 26.72
CA HIS B 294 36.27 -3.02 27.32
C HIS B 294 37.57 -2.54 26.68
N LYS B 295 38.63 -2.40 27.48
CA LYS B 295 39.89 -1.85 26.99
C LYS B 295 40.37 -2.55 25.71
N ASP B 296 40.17 -3.87 25.65
CA ASP B 296 40.48 -4.68 24.47
C ASP B 296 39.94 -4.13 23.15
N LEU B 297 38.79 -3.46 23.23
CA LEU B 297 38.00 -3.15 22.04
C LEU B 297 37.97 -1.67 21.72
N GLN B 298 38.83 -0.89 22.37
CA GLN B 298 38.76 0.55 22.22
C GLN B 298 39.43 1.04 20.94
N ALA B 299 40.18 0.14 20.31
CA ALA B 299 40.72 0.41 18.98
C ALA B 299 41.64 1.63 18.95
N LYS B 300 42.48 1.76 19.98
CA LYS B 300 43.50 2.80 20.01
C LYS B 300 44.43 2.60 18.83
N LEU B 301 44.67 1.33 18.51
CA LEU B 301 45.25 0.94 17.23
C LEU B 301 44.25 0.04 16.54
N SER B 302 44.38 -0.12 15.22
CA SER B 302 43.48 -0.97 14.45
C SER B 302 43.47 -2.37 15.04
N THR B 303 42.28 -2.92 15.25
CA THR B 303 42.15 -4.18 15.97
C THR B 303 41.26 -5.16 15.23
N ARG B 304 41.79 -6.34 14.91
CA ARG B 304 41.00 -7.36 14.21
C ARG B 304 40.16 -8.14 15.19
N VAL B 305 38.91 -8.41 14.81
CA VAL B 305 38.00 -9.23 15.59
C VAL B 305 37.63 -10.47 14.79
N ASP B 306 37.74 -11.64 15.40
CA ASP B 306 37.49 -12.89 14.68
C ASP B 306 36.16 -13.57 15.04
N GLY B 307 35.57 -13.15 16.16
CA GLY B 307 34.29 -13.67 16.61
C GLY B 307 33.23 -13.48 15.53
N VAL B 308 32.26 -14.38 15.46
CA VAL B 308 31.21 -14.28 14.45
C VAL B 308 30.16 -13.26 14.87
N ILE B 309 29.97 -12.24 14.05
CA ILE B 309 28.97 -11.20 14.27
C ILE B 309 27.86 -11.38 13.23
N SER B 310 26.58 -11.32 13.66
CA SER B 310 25.45 -11.49 12.73
C SER B 310 24.62 -10.21 12.68
N PHE B 311 23.86 -10.02 11.59
CA PHE B 311 23.02 -8.81 11.45
C PHE B 311 22.01 -8.69 12.58
N ILE B 312 21.58 -9.81 13.16
CA ILE B 312 20.69 -9.75 14.32
C ILE B 312 21.34 -9.02 15.52
N ASP B 313 22.66 -8.89 15.52
CA ASP B 313 23.38 -8.29 16.65
C ASP B 313 23.53 -6.77 16.59
N PHE B 314 23.23 -6.16 15.44
CA PHE B 314 23.54 -4.74 15.23
C PHE B 314 22.67 -3.83 16.09
N ALA B 315 21.36 -4.06 16.04
CA ALA B 315 20.43 -3.23 16.80
C ALA B 315 20.65 -3.33 18.31
N PRO B 316 20.79 -4.56 18.86
CA PRO B 316 21.12 -4.62 20.29
C PRO B 316 22.43 -3.89 20.63
N THR B 317 23.36 -3.85 19.68
CA THR B 317 24.62 -3.17 19.94
C THR B 317 24.36 -1.67 20.10
N LEU B 318 23.57 -1.09 19.19
CA LEU B 318 23.25 0.33 19.30
C LEU B 318 22.45 0.60 20.57
N LEU B 319 21.54 -0.30 20.91
CA LEU B 319 20.76 -0.13 22.14
C LEU B 319 21.68 -0.05 23.37
N GLU B 320 22.62 -0.99 23.49
CA GLU B 320 23.51 -0.99 24.64
C GLU B 320 24.37 0.27 24.69
N LEU B 321 24.90 0.69 23.54
CA LEU B 321 25.73 1.89 23.52
C LEU B 321 24.91 3.13 23.85
N ALA B 322 23.61 3.09 23.56
CA ALA B 322 22.74 4.23 23.86
C ALA B 322 22.21 4.15 25.30
N GLY B 323 22.52 3.06 26.00
CA GLY B 323 22.05 2.86 27.37
C GLY B 323 20.59 2.46 27.46
N LEU B 324 20.09 1.81 26.42
CA LEU B 324 18.70 1.36 26.37
C LEU B 324 18.63 -0.16 26.53
N PRO B 325 17.48 -0.68 26.97
CA PRO B 325 17.32 -2.12 27.15
C PRO B 325 17.01 -2.86 25.84
N LYS B 326 17.42 -4.12 25.76
CA LYS B 326 17.11 -4.98 24.62
C LYS B 326 15.64 -5.36 24.67
N SER B 327 15.02 -5.62 23.53
CA SER B 327 13.67 -6.15 23.53
C SER B 327 13.75 -7.66 23.73
N LYS B 328 12.80 -8.24 24.45
CA LYS B 328 12.79 -9.69 24.68
C LYS B 328 12.52 -10.47 23.41
N LEU B 329 11.99 -9.80 22.38
CA LEU B 329 11.74 -10.47 21.12
C LEU B 329 12.96 -10.43 20.19
N GLN B 330 13.99 -9.70 20.58
CA GLN B 330 15.19 -9.63 19.75
C GLN B 330 16.04 -10.88 19.94
N ASP B 331 16.68 -11.32 18.86
CA ASP B 331 17.45 -12.56 18.89
C ASP B 331 18.94 -12.28 19.05
N GLY B 332 19.35 -11.07 18.68
CA GLY B 332 20.77 -10.74 18.66
C GLY B 332 21.30 -10.37 20.04
N GLU B 333 22.61 -10.13 20.09
CA GLU B 333 23.30 -9.79 21.32
C GLU B 333 24.40 -8.77 21.02
N SER B 334 24.45 -7.70 21.80
CA SER B 334 25.44 -6.66 21.57
C SER B 334 26.87 -7.20 21.54
N PHE B 335 27.67 -6.73 20.59
CA PHE B 335 29.07 -7.15 20.52
C PHE B 335 30.00 -6.02 20.98
N LEU B 336 29.42 -4.96 21.53
CA LEU B 336 30.19 -3.88 22.12
C LEU B 336 29.64 -3.60 23.52
N SER B 337 30.37 -4.04 24.53
CA SER B 337 29.86 -4.06 25.89
C SER B 337 31.02 -3.77 26.84
N LYS B 338 30.73 -3.18 28.00
CA LYS B 338 31.77 -2.76 28.93
C LYS B 338 32.63 -3.92 29.40
N ASN B 339 32.01 -5.05 29.71
CA ASN B 339 32.76 -6.16 30.33
C ASN B 339 33.04 -7.31 29.38
N LEU B 340 32.91 -7.04 28.09
CA LEU B 340 33.12 -8.06 27.06
C LEU B 340 34.51 -7.92 26.44
N SER B 341 35.40 -8.84 26.79
CA SER B 341 36.78 -8.78 26.28
C SER B 341 36.87 -9.29 24.84
N LEU B 342 37.98 -8.99 24.18
CA LEU B 342 38.21 -9.47 22.82
C LEU B 342 38.24 -10.99 22.80
N ASP B 343 38.83 -11.59 23.83
CA ASP B 343 38.84 -13.05 23.95
C ASP B 343 37.42 -13.60 24.01
N ASP B 344 36.57 -12.95 24.80
CA ASP B 344 35.20 -13.41 24.94
C ASP B 344 34.42 -13.22 23.64
N LEU B 345 34.61 -12.07 23.00
CA LEU B 345 33.95 -11.81 21.72
C LEU B 345 34.39 -12.82 20.67
N ASN B 346 35.67 -13.21 20.70
CA ASN B 346 36.19 -14.17 19.74
C ASN B 346 35.68 -15.59 19.93
N LYS B 347 35.06 -15.86 21.08
CA LYS B 347 34.44 -17.17 21.33
C LYS B 347 33.09 -17.32 20.59
N ARG B 348 32.48 -16.21 20.21
CA ARG B 348 31.23 -16.26 19.46
C ARG B 348 31.48 -16.87 18.09
N ASN B 349 30.72 -17.89 17.72
CA ASN B 349 31.04 -18.61 16.48
C ASN B 349 29.83 -19.23 15.78
N THR B 350 28.68 -18.58 15.91
CA THR B 350 27.43 -19.11 15.41
C THR B 350 26.72 -18.15 14.47
N ASN B 351 26.24 -18.66 13.33
CA ASN B 351 25.39 -17.88 12.43
C ASN B 351 24.32 -18.78 11.81
N PHE B 352 23.06 -18.38 11.95
CA PHE B 352 21.94 -19.05 11.29
C PHE B 352 21.49 -18.23 10.08
N SER B 353 21.26 -18.89 8.95
CA SER B 353 20.91 -18.16 7.74
C SER B 353 19.70 -18.76 7.05
N PHE B 354 19.03 -17.91 6.29
CA PHE B 354 17.69 -18.23 5.78
C PHE B 354 17.54 -17.76 4.35
N ALA B 355 16.96 -18.58 3.50
CA ALA B 355 16.65 -18.22 2.11
C ALA B 355 15.32 -18.82 1.73
N ASP B 356 14.44 -18.01 1.15
CA ASP B 356 13.16 -18.52 0.70
C ASP B 356 12.83 -17.95 -0.68
N ARG B 357 11.97 -16.93 -0.77
CA ARG B 357 11.67 -16.37 -2.09
C ARG B 357 12.52 -15.13 -2.42
N PHE B 358 13.01 -15.10 -3.66
CA PHE B 358 13.70 -13.95 -4.24
C PHE B 358 13.06 -13.62 -5.58
N ASP B 359 12.31 -12.53 -5.61
CA ASP B 359 11.50 -12.16 -6.76
C ASP B 359 10.56 -13.33 -7.09
N GLU B 360 10.58 -13.81 -8.33
CA GLU B 360 9.65 -14.87 -8.71
C GLU B 360 10.14 -16.26 -8.32
N LYS B 361 11.40 -16.36 -7.90
CA LYS B 361 12.03 -17.67 -7.71
C LYS B 361 12.02 -18.09 -6.23
N TYR B 362 11.63 -19.34 -6.00
CA TYR B 362 11.53 -19.86 -4.65
C TYR B 362 12.35 -21.15 -4.42
N ASP B 363 12.85 -21.29 -3.21
CA ASP B 363 13.47 -22.53 -2.73
C ASP B 363 13.43 -22.40 -1.22
N MET B 364 13.69 -23.46 -0.48
CA MET B 364 13.79 -23.31 0.97
C MET B 364 15.09 -23.93 1.48
N VAL B 365 15.98 -23.07 1.96
CA VAL B 365 17.28 -23.51 2.43
C VAL B 365 17.60 -22.84 3.76
N ARG B 366 18.22 -23.60 4.66
CA ARG B 366 18.68 -23.05 5.92
C ARG B 366 20.16 -23.38 6.11
N GLY B 367 20.91 -22.43 6.67
CA GLY B 367 22.34 -22.64 6.96
C GLY B 367 22.59 -22.51 8.45
N PHE B 368 23.56 -23.28 8.94
CA PHE B 368 23.92 -23.25 10.35
C PHE B 368 25.44 -23.29 10.39
N ARG B 369 26.06 -22.20 10.82
CA ARG B 369 27.52 -22.21 11.02
C ARG B 369 27.83 -22.21 12.50
N LYS B 370 28.79 -23.06 12.87
CA LYS B 370 29.18 -23.25 14.27
C LYS B 370 30.66 -23.64 14.36
N GLY B 371 31.48 -22.78 14.97
CA GLY B 371 32.91 -23.03 15.00
C GLY B 371 33.43 -23.06 13.57
N LYS B 372 34.25 -24.02 13.22
CA LYS B 372 34.77 -24.09 11.85
C LYS B 372 33.79 -24.73 10.86
N TYR B 373 32.67 -25.25 11.36
CA TYR B 373 31.76 -26.00 10.51
C TYR B 373 30.60 -25.20 9.95
N LYS B 374 30.31 -25.42 8.68
CA LYS B 374 29.12 -24.88 8.03
C LYS B 374 28.22 -26.01 7.53
N TYR B 375 26.98 -25.99 8.00
CA TYR B 375 25.97 -27.00 7.66
C TYR B 375 24.87 -26.36 6.83
N ILE B 376 24.47 -27.03 5.76
CA ILE B 376 23.38 -26.54 4.93
C ILE B 376 22.31 -27.61 4.84
N ARG B 377 21.07 -27.19 5.07
CA ARG B 377 19.92 -28.09 4.94
C ARG B 377 19.07 -27.64 3.75
N ASN B 378 19.02 -28.51 2.73
CA ASN B 378 18.25 -28.29 1.50
C ASN B 378 16.93 -29.04 1.58
N TYR B 379 15.89 -28.36 2.06
CA TYR B 379 14.60 -29.00 2.25
C TYR B 379 13.94 -29.46 0.96
N LEU B 380 14.25 -28.77 -0.15
CA LEU B 380 13.71 -29.11 -1.46
C LEU B 380 14.84 -29.38 -2.43
N PRO B 381 15.52 -30.54 -2.27
CA PRO B 381 16.80 -30.76 -2.94
C PRO B 381 16.68 -30.90 -4.45
N PHE B 382 15.46 -31.15 -4.94
CA PHE B 382 15.18 -31.24 -6.39
C PHE B 382 15.20 -29.86 -7.08
N ASN B 383 15.24 -28.78 -6.30
CA ASN B 383 15.44 -27.44 -6.84
C ASN B 383 16.93 -27.11 -6.93
N PRO B 384 17.52 -27.15 -8.12
CA PRO B 384 18.94 -26.74 -8.15
C PRO B 384 19.08 -25.26 -7.79
N ASP B 385 20.21 -24.85 -7.23
CA ASP B 385 20.42 -23.44 -6.95
C ASP B 385 20.31 -22.59 -8.22
N GLY B 386 20.64 -23.18 -9.37
CA GLY B 386 20.57 -22.48 -10.64
C GLY B 386 19.19 -22.30 -11.22
N LEU B 387 18.18 -22.82 -10.53
CA LEU B 387 16.77 -22.63 -10.91
C LEU B 387 16.45 -21.19 -11.34
N PHE B 388 15.83 -21.03 -12.50
CA PHE B 388 15.85 -19.72 -13.15
C PHE B 388 15.22 -18.60 -12.35
N SER B 389 15.91 -17.46 -12.38
CA SER B 389 15.48 -16.21 -11.79
C SER B 389 15.86 -15.12 -12.80
N SER B 390 14.89 -14.32 -13.20
CA SER B 390 15.10 -13.35 -14.27
C SER B 390 16.25 -12.38 -13.98
N TYR B 391 16.24 -11.76 -12.81
CA TYR B 391 17.23 -10.75 -12.48
C TYR B 391 18.65 -11.33 -12.32
N ARG B 392 18.78 -12.52 -11.73
CA ARG B 392 20.10 -13.17 -11.63
C ARG B 392 20.74 -13.20 -13.00
N TYR B 393 19.97 -13.65 -13.98
CA TYR B 393 20.54 -14.01 -15.27
C TYR B 393 20.65 -12.82 -16.22
N LYS B 394 20.35 -11.62 -15.74
CA LYS B 394 20.67 -10.42 -16.50
C LYS B 394 22.17 -10.10 -16.44
N GLN B 395 22.87 -10.78 -15.54
CA GLN B 395 24.34 -10.74 -15.46
C GLN B 395 24.91 -11.74 -16.48
N ALA B 396 25.70 -11.25 -17.44
CA ALA B 396 26.18 -12.10 -18.53
C ALA B 396 26.97 -13.31 -18.02
N ALA B 397 27.71 -13.15 -16.92
CA ALA B 397 28.46 -14.24 -16.35
C ALA B 397 27.57 -15.40 -15.90
N TYR B 398 26.38 -15.10 -15.38
CA TYR B 398 25.45 -16.15 -14.98
C TYR B 398 25.00 -16.94 -16.19
N ARG B 399 24.74 -16.24 -17.29
CA ARG B 399 24.32 -16.93 -18.51
C ARG B 399 25.43 -17.82 -19.09
N GLU B 400 26.67 -17.32 -19.04
CA GLU B 400 27.83 -18.10 -19.53
C GLU B 400 28.05 -19.33 -18.68
N TRP B 401 27.95 -19.15 -17.36
CA TRP B 401 28.06 -20.25 -16.41
C TRP B 401 27.07 -21.38 -16.75
N LYS B 402 25.80 -21.03 -16.94
CA LYS B 402 24.78 -22.03 -17.26
C LYS B 402 25.02 -22.67 -18.62
N HIS B 403 25.40 -21.84 -19.59
CA HIS B 403 25.68 -22.33 -20.94
C HIS B 403 26.80 -23.38 -20.91
N LEU B 404 27.86 -23.07 -20.18
CA LEU B 404 28.97 -24.01 -20.01
C LEU B 404 28.56 -25.29 -19.29
N PHE B 405 27.66 -25.17 -18.32
CA PHE B 405 27.12 -26.35 -17.67
C PHE B 405 26.41 -27.27 -18.69
N LYS B 406 25.53 -26.68 -19.49
CA LYS B 406 24.75 -27.46 -20.46
C LYS B 406 25.66 -27.99 -21.59
N ALA B 407 26.81 -27.36 -21.79
CA ALA B 407 27.77 -27.82 -22.79
C ALA B 407 28.72 -28.86 -22.21
N ASN B 408 28.49 -29.23 -20.95
CA ASN B 408 29.34 -30.17 -20.22
C ASN B 408 30.80 -29.74 -20.16
N LYS B 409 31.04 -28.45 -19.90
CA LYS B 409 32.41 -27.93 -19.84
C LYS B 409 32.85 -27.49 -18.43
N LEU B 410 32.06 -27.83 -17.41
CA LEU B 410 32.42 -27.47 -16.03
C LEU B 410 32.88 -28.70 -15.25
N ASN B 411 33.77 -28.51 -14.28
CA ASN B 411 34.12 -29.60 -13.38
C ASN B 411 33.06 -29.75 -12.29
N SER B 412 33.24 -30.72 -11.40
CA SER B 412 32.16 -31.05 -10.47
C SER B 412 31.91 -29.94 -9.44
N VAL B 413 32.97 -29.21 -9.08
CA VAL B 413 32.83 -28.11 -8.13
C VAL B 413 32.08 -26.95 -8.79
N GLN B 414 32.37 -26.67 -10.05
CA GLN B 414 31.73 -25.59 -10.79
C GLN B 414 30.29 -25.92 -11.16
N SER B 415 29.95 -27.20 -11.24
CA SER B 415 28.64 -27.57 -11.76
C SER B 415 27.61 -27.86 -10.67
N ALA B 416 28.04 -27.92 -9.42
CA ALA B 416 27.13 -28.25 -8.32
C ALA B 416 25.94 -27.29 -8.26
N PHE B 417 26.19 -26.03 -8.59
CA PHE B 417 25.18 -24.98 -8.59
C PHE B 417 23.94 -25.33 -9.44
N PHE B 418 24.16 -26.09 -10.52
CA PHE B 418 23.06 -26.37 -11.46
C PHE B 418 22.44 -27.76 -11.29
N LYS B 419 22.98 -28.56 -10.38
CA LYS B 419 22.55 -29.93 -10.19
C LYS B 419 21.61 -30.10 -9.00
N ARG B 420 20.94 -31.24 -8.96
CA ARG B 420 20.16 -31.67 -7.79
C ARG B 420 21.05 -31.56 -6.55
N LYS B 421 20.47 -31.18 -5.41
CA LYS B 421 21.29 -30.95 -4.22
C LYS B 421 21.28 -32.12 -3.24
N PRO B 422 22.36 -32.25 -2.45
CA PRO B 422 22.30 -33.21 -1.34
C PRO B 422 21.30 -32.70 -0.32
N LEU B 423 20.71 -33.57 0.50
CA LEU B 423 19.77 -33.11 1.51
C LEU B 423 20.47 -32.28 2.59
N GLU B 424 21.73 -32.64 2.86
CA GLU B 424 22.58 -31.98 3.85
C GLU B 424 23.96 -31.81 3.23
N ALA B 425 24.61 -30.69 3.54
CA ALA B 425 26.01 -30.53 3.20
C ALA B 425 26.72 -30.03 4.44
N LEU B 426 27.98 -30.40 4.58
CA LEU B 426 28.77 -30.01 5.73
C LEU B 426 30.13 -29.58 5.21
N TYR B 427 30.60 -28.41 5.62
CA TYR B 427 31.91 -27.92 5.20
C TYR B 427 32.78 -27.52 6.37
N ASP B 428 34.09 -27.73 6.21
CA ASP B 428 35.10 -27.23 7.15
C ASP B 428 35.62 -25.92 6.59
N LEU B 429 35.17 -24.80 7.15
CA LEU B 429 35.48 -23.48 6.60
C LEU B 429 36.96 -23.11 6.77
N GLU B 430 37.62 -23.70 7.74
CA GLU B 430 39.04 -23.42 7.90
C GLU B 430 39.87 -24.05 6.79
N GLN B 431 39.55 -25.28 6.43
CA GLN B 431 40.25 -25.97 5.35
C GLN B 431 39.68 -25.67 3.97
N ASP B 432 38.40 -25.32 3.94
CA ASP B 432 37.64 -25.28 2.69
C ASP B 432 36.69 -24.08 2.70
N PRO B 433 37.23 -22.85 2.70
CA PRO B 433 36.40 -21.66 2.92
C PRO B 433 35.35 -21.45 1.83
N PHE B 434 35.61 -21.99 0.64
CA PHE B 434 34.68 -21.84 -0.47
C PHE B 434 33.64 -22.95 -0.56
N GLU B 435 33.56 -23.79 0.46
CA GLU B 435 32.47 -24.77 0.56
C GLU B 435 32.39 -25.67 -0.68
N THR B 436 33.51 -26.30 -1.02
CA THR B 436 33.60 -27.12 -2.23
C THR B 436 33.56 -28.62 -1.94
N LYS B 437 33.84 -29.00 -0.69
CA LYS B 437 33.94 -30.42 -0.38
C LYS B 437 32.97 -30.85 0.69
N ASN B 438 31.87 -31.47 0.27
CA ASN B 438 30.84 -31.89 1.19
C ASN B 438 31.34 -33.04 2.06
N LEU B 439 31.41 -32.81 3.37
CA LEU B 439 31.96 -33.77 4.31
C LEU B 439 30.91 -34.73 4.86
N ALA B 440 29.64 -34.44 4.59
CA ALA B 440 28.53 -35.16 5.21
C ALA B 440 28.53 -36.66 4.88
N LEU B 441 29.16 -37.05 3.78
CA LEU B 441 29.16 -38.46 3.40
C LEU B 441 30.45 -39.17 3.82
N LEU B 442 31.28 -38.50 4.61
CA LEU B 442 32.53 -39.12 5.06
C LEU B 442 32.33 -39.64 6.47
N PRO B 443 32.91 -40.81 6.77
CA PRO B 443 32.65 -41.50 8.03
C PRO B 443 33.16 -40.75 9.27
N GLN B 444 34.25 -39.99 9.15
CA GLN B 444 34.77 -39.33 10.34
C GLN B 444 33.94 -38.08 10.73
N TYR B 445 32.98 -37.71 9.88
CA TYR B 445 32.14 -36.51 10.13
C TYR B 445 30.72 -36.89 10.56
N THR B 446 30.51 -38.18 10.78
CA THR B 446 29.20 -38.73 11.17
C THR B 446 28.61 -38.04 12.38
N GLU B 447 29.40 -37.89 13.45
CA GLU B 447 28.90 -37.26 14.66
C GLU B 447 28.64 -35.77 14.42
N GLN B 448 29.52 -35.13 13.66
CA GLN B 448 29.36 -33.70 13.39
C GLN B 448 28.08 -33.44 12.59
N VAL B 449 27.77 -34.32 11.63
CA VAL B 449 26.53 -34.19 10.88
C VAL B 449 25.34 -34.22 11.83
N ILE B 450 25.31 -35.22 12.72
CA ILE B 450 24.21 -35.32 13.66
C ILE B 450 24.13 -34.11 14.58
N LYS B 451 25.28 -33.61 15.02
CA LYS B 451 25.27 -32.42 15.89
C LYS B 451 24.71 -31.19 15.20
N MET B 452 25.14 -30.95 13.96
CA MET B 452 24.66 -29.76 13.21
C MET B 452 23.18 -29.93 12.86
N ARG B 453 22.81 -31.13 12.44
CA ARG B 453 21.42 -31.44 12.14
C ARG B 453 20.50 -31.15 13.34
N ALA B 454 20.89 -31.61 14.53
CA ALA B 454 20.08 -31.41 15.72
C ALA B 454 20.02 -29.94 16.12
N GLY B 455 21.15 -29.25 15.98
CA GLY B 455 21.24 -27.84 16.33
C GLY B 455 20.30 -26.99 15.50
N LEU B 456 20.31 -27.22 14.19
CA LEU B 456 19.41 -26.48 13.30
C LEU B 456 17.94 -26.80 13.62
N GLN B 457 17.61 -28.09 13.74
CA GLN B 457 16.24 -28.50 14.09
C GLN B 457 15.77 -27.82 15.37
N LYS B 458 16.63 -27.78 16.37
CA LYS B 458 16.31 -27.16 17.66
C LYS B 458 16.03 -25.66 17.49
N LYS B 459 16.87 -24.98 16.70
CA LYS B 459 16.72 -23.55 16.49
C LYS B 459 15.42 -23.23 15.77
N LEU B 460 15.16 -23.95 14.68
CA LEU B 460 14.00 -23.66 13.83
C LEU B 460 12.70 -23.99 14.54
N GLN B 461 12.74 -24.98 15.42
CA GLN B 461 11.58 -25.33 16.25
C GLN B 461 11.29 -24.28 17.31
N SER B 462 12.35 -23.75 17.92
CA SER B 462 12.19 -22.84 19.04
C SER B 462 11.84 -21.40 18.62
N MET B 463 12.18 -21.04 17.37
CA MET B 463 12.02 -19.65 16.93
C MET B 463 10.54 -19.21 17.05
N PRO B 464 9.59 -19.94 16.43
CA PRO B 464 9.67 -21.02 15.42
C PRO B 464 9.79 -20.39 14.04
N ASP B 465 10.32 -21.15 13.09
CA ASP B 465 10.47 -20.70 11.72
C ASP B 465 9.11 -20.78 11.00
N LEU B 466 8.47 -19.63 10.79
CA LEU B 466 7.14 -19.60 10.17
C LEU B 466 7.16 -20.03 8.70
N ALA B 467 8.33 -20.00 8.06
CA ALA B 467 8.39 -20.24 6.62
C ALA B 467 8.15 -21.71 6.25
N PHE B 468 7.94 -22.56 7.25
CA PHE B 468 7.49 -23.92 6.93
C PHE B 468 6.02 -23.90 6.51
N TYR B 469 5.32 -22.80 6.79
CA TYR B 469 4.05 -22.49 6.10
C TYR B 469 4.35 -21.82 4.76
N PRO B 470 3.79 -22.35 3.68
CA PRO B 470 3.96 -21.65 2.40
C PRO B 470 3.45 -20.22 2.46
N GLU B 471 4.18 -19.32 1.81
CA GLU B 471 3.88 -17.90 1.82
C GLU B 471 2.43 -17.65 1.43
N SER B 472 1.93 -18.43 0.47
CA SER B 472 0.58 -18.25 -0.05
C SER B 472 -0.47 -18.44 1.04
N TYR B 473 -0.09 -19.14 2.10
CA TYR B 473 -0.99 -19.34 3.23
C TYR B 473 -0.60 -18.39 4.35
N LEU B 474 0.71 -18.32 4.59
CA LEU B 474 1.24 -17.67 5.77
C LEU B 474 0.97 -16.17 5.89
N VAL B 475 1.35 -15.40 4.88
CA VAL B 475 1.51 -13.98 5.14
C VAL B 475 0.17 -13.27 5.34
N ASP B 476 -0.88 -13.72 4.65
CA ASP B 476 -2.17 -13.06 4.75
C ASP B 476 -2.75 -13.26 6.15
N ILE B 477 -2.56 -14.45 6.72
CA ILE B 477 -3.06 -14.74 8.06
C ILE B 477 -2.21 -14.08 9.14
N ALA B 478 -0.89 -14.07 8.93
CA ALA B 478 0.03 -13.56 9.95
C ALA B 478 0.20 -12.05 9.92
N LYS B 479 -0.36 -11.41 8.91
CA LYS B 479 -0.06 -10.00 8.61
C LYS B 479 -0.30 -9.07 9.80
N ASP B 480 -1.38 -9.27 10.54
CA ASP B 480 -1.68 -8.33 11.64
C ASP B 480 -0.81 -8.53 12.87
N ASP B 481 -0.39 -9.77 13.15
CA ASP B 481 0.50 -10.04 14.28
C ASP B 481 1.14 -11.42 14.14
N PRO B 482 2.40 -11.46 13.66
CA PRO B 482 3.05 -12.74 13.41
C PRO B 482 3.28 -13.55 14.68
N ILE B 483 3.47 -12.88 15.81
CA ILE B 483 3.71 -13.55 17.09
C ILE B 483 2.51 -14.34 17.55
N ILE B 484 1.32 -13.76 17.41
CA ILE B 484 0.09 -14.45 17.77
C ILE B 484 -0.04 -15.72 16.94
N PHE B 485 0.20 -15.60 15.63
CA PHE B 485 0.24 -16.77 14.76
C PHE B 485 1.30 -17.79 15.22
N SER B 486 2.49 -17.32 15.58
CA SER B 486 3.56 -18.26 15.91
C SER B 486 3.24 -19.01 17.22
N LEU B 487 2.62 -18.34 18.18
CA LEU B 487 2.21 -19.02 19.42
C LEU B 487 1.20 -20.13 19.16
N LYS B 488 0.21 -19.83 18.32
CA LYS B 488 -0.80 -20.82 17.97
C LYS B 488 -0.21 -22.00 17.21
N HIS B 489 0.76 -21.75 16.34
CA HIS B 489 1.22 -22.82 15.44
C HIS B 489 2.63 -23.37 15.69
N LYS B 490 3.22 -23.07 16.84
CA LYS B 490 4.55 -23.60 17.16
C LYS B 490 4.64 -25.13 17.03
N ASN B 491 3.65 -25.85 17.58
CA ASN B 491 3.66 -27.32 17.49
C ASN B 491 3.50 -27.81 16.06
N ASP B 492 2.60 -27.16 15.32
CA ASP B 492 2.38 -27.50 13.92
C ASP B 492 3.67 -27.42 13.14
N ILE B 493 4.47 -26.41 13.45
CA ILE B 493 5.70 -26.17 12.73
C ILE B 493 6.71 -27.26 13.09
N ALA B 494 6.79 -27.62 14.37
CA ALA B 494 7.64 -28.75 14.76
C ALA B 494 7.25 -30.01 13.99
N ARG B 495 5.95 -30.21 13.76
CA ARG B 495 5.50 -31.37 12.99
C ARG B 495 5.94 -31.29 11.54
N PHE B 496 5.83 -30.12 10.92
CA PHE B 496 6.29 -29.95 9.54
C PHE B 496 7.76 -30.34 9.41
N ILE B 497 8.56 -29.84 10.34
CA ILE B 497 10.01 -30.08 10.31
C ILE B 497 10.32 -31.57 10.47
N ASN B 498 9.63 -32.22 11.40
CA ASN B 498 9.79 -33.66 11.60
CA ASN B 498 9.80 -33.66 11.59
C ASN B 498 9.42 -34.44 10.34
N ILE B 499 8.33 -34.03 9.70
CA ILE B 499 7.89 -34.72 8.49
C ILE B 499 8.92 -34.60 7.37
N ILE B 500 9.35 -33.39 7.04
CA ILE B 500 10.29 -33.26 5.93
C ILE B 500 11.63 -33.92 6.28
N ASP B 501 12.00 -33.91 7.56
CA ASP B 501 13.28 -34.51 7.97
C ASP B 501 13.23 -36.05 7.97
N MET B 502 12.05 -36.62 7.74
CA MET B 502 11.98 -38.07 7.49
C MET B 502 12.76 -38.43 6.23
N SER B 503 12.98 -37.47 5.34
CA SER B 503 13.68 -37.76 4.11
C SER B 503 15.19 -37.98 4.33
N LEU B 504 15.67 -37.75 5.55
CA LEU B 504 17.06 -37.98 5.91
C LEU B 504 17.34 -39.44 6.30
N GLN B 505 16.26 -40.19 6.51
CA GLN B 505 16.31 -41.53 7.07
C GLN B 505 16.19 -42.64 6.00
N PRO B 506 16.41 -43.91 6.39
CA PRO B 506 16.18 -44.97 5.40
C PRO B 506 14.69 -45.04 5.05
N PHE B 507 14.35 -45.22 3.78
CA PHE B 507 12.95 -45.15 3.38
C PHE B 507 12.07 -46.13 4.14
N GLU B 508 12.53 -47.37 4.24
CA GLU B 508 11.75 -48.41 4.92
C GLU B 508 11.47 -48.06 6.39
N GLN B 509 12.41 -47.37 7.04
CA GLN B 509 12.22 -46.96 8.43
C GLN B 509 11.09 -45.95 8.61
N VAL B 510 10.87 -45.08 7.61
CA VAL B 510 9.88 -44.01 7.73
C VAL B 510 8.64 -44.24 6.84
N LYS B 511 8.69 -45.28 6.02
CA LYS B 511 7.64 -45.59 5.05
C LYS B 511 6.22 -45.49 5.64
N ASN B 512 5.97 -46.16 6.77
CA ASN B 512 4.62 -46.16 7.33
C ASN B 512 4.22 -44.80 7.87
N LYS B 513 5.15 -44.12 8.54
CA LYS B 513 4.87 -42.79 9.08
C LYS B 513 4.57 -41.82 7.94
N LEU B 514 5.35 -41.92 6.86
CA LEU B 514 5.18 -41.03 5.72
C LEU B 514 3.82 -41.26 5.05
N LYS B 515 3.43 -42.52 4.92
CA LYS B 515 2.15 -42.86 4.31
C LYS B 515 0.98 -42.26 5.07
N ALA B 516 1.01 -42.33 6.41
CA ALA B 516 -0.06 -41.77 7.22
C ALA B 516 -0.18 -40.27 7.00
N VAL B 517 0.95 -39.59 6.85
CA VAL B 517 0.93 -38.15 6.62
C VAL B 517 0.42 -37.81 5.22
N LEU B 518 0.75 -38.64 4.24
CA LEU B 518 0.24 -38.41 2.90
C LEU B 518 -1.29 -38.48 2.87
N LEU B 519 -1.85 -39.28 3.78
CA LEU B 519 -3.29 -39.45 3.87
C LEU B 519 -3.92 -38.56 4.92
N SER B 520 -3.12 -37.67 5.51
CA SER B 520 -3.56 -36.78 6.59
C SER B 520 -4.67 -35.82 6.14
N ASN B 521 -5.47 -35.38 7.10
CA ASN B 521 -6.49 -34.36 6.86
C ASN B 521 -5.89 -32.96 6.84
N GLU B 522 -4.63 -32.85 7.24
CA GLU B 522 -3.93 -31.58 7.30
C GLU B 522 -3.21 -31.33 5.99
N GLN B 523 -3.69 -30.34 5.24
CA GLN B 523 -3.18 -30.07 3.90
C GLN B 523 -1.69 -29.74 3.87
N TRP B 524 -1.18 -29.10 4.92
CA TRP B 524 0.24 -28.70 4.87
C TRP B 524 1.13 -29.82 5.36
N GLU B 525 0.54 -30.78 6.05
CA GLU B 525 1.26 -32.02 6.36
C GLU B 525 1.38 -32.87 5.11
N ARG B 526 0.33 -32.95 4.30
CA ARG B 526 0.41 -33.64 3.03
C ARG B 526 1.47 -32.97 2.16
N TYR B 527 1.51 -31.63 2.24
CA TYR B 527 2.48 -30.84 1.48
C TYR B 527 3.90 -31.29 1.83
N TRP B 528 4.22 -31.26 3.11
CA TRP B 528 5.59 -31.63 3.52
C TRP B 528 5.89 -33.11 3.31
N ALA B 529 4.86 -33.95 3.38
CA ALA B 529 5.01 -35.37 3.08
C ALA B 529 5.35 -35.58 1.60
N MET B 530 4.70 -34.83 0.72
CA MET B 530 5.02 -34.92 -0.71
C MET B 530 6.43 -34.43 -0.96
N ASN B 531 6.84 -33.40 -0.22
CA ASN B 531 8.18 -32.88 -0.40
C ASN B 531 9.22 -33.91 0.03
N ALA B 532 8.94 -34.61 1.12
CA ALA B 532 9.82 -35.71 1.55
C ALA B 532 9.86 -36.83 0.50
N VAL B 533 8.71 -37.13 -0.07
CA VAL B 533 8.60 -38.14 -1.12
C VAL B 533 9.40 -37.72 -2.35
N LEU B 534 9.31 -36.44 -2.73
CA LEU B 534 10.12 -35.92 -3.83
C LEU B 534 11.60 -36.04 -3.54
N ALA B 535 11.97 -35.84 -2.28
CA ALA B 535 13.37 -35.97 -1.88
C ALA B 535 13.85 -37.41 -2.10
N PHE B 536 13.02 -38.36 -1.67
CA PHE B 536 13.32 -39.80 -1.82
C PHE B 536 13.37 -40.23 -3.28
N GLY B 537 12.56 -39.58 -4.13
CA GLY B 537 12.55 -39.93 -5.54
C GLY B 537 12.07 -41.35 -5.78
N ASP B 538 12.85 -42.11 -6.57
CA ASP B 538 12.46 -43.46 -6.96
C ASP B 538 12.29 -44.42 -5.76
N LYS B 539 12.94 -44.11 -4.65
CA LYS B 539 12.85 -44.94 -3.44
C LYS B 539 11.43 -44.98 -2.89
N ALA B 540 10.61 -44.02 -3.30
CA ALA B 540 9.24 -43.96 -2.79
C ALA B 540 8.23 -44.44 -3.82
N ASN B 541 8.69 -45.17 -4.83
CA ASN B 541 7.84 -45.65 -5.92
C ASN B 541 6.60 -46.39 -5.44
N GLU B 542 6.72 -47.02 -4.28
CA GLU B 542 5.64 -47.81 -3.68
C GLU B 542 4.41 -46.95 -3.35
N PHE B 543 4.59 -45.63 -3.29
CA PHE B 543 3.50 -44.71 -3.00
C PHE B 543 2.75 -44.23 -4.24
N LEU B 544 3.15 -44.71 -5.42
CA LEU B 544 2.58 -44.25 -6.70
C LEU B 544 1.05 -44.12 -6.70
N PRO B 545 0.33 -45.13 -6.16
CA PRO B 545 -1.13 -44.94 -6.17
C PRO B 545 -1.63 -43.77 -5.31
N ILE B 546 -1.02 -43.55 -4.14
CA ILE B 546 -1.43 -42.44 -3.29
C ILE B 546 -1.09 -41.10 -3.95
N ILE B 547 0.07 -41.04 -4.57
CA ILE B 547 0.51 -39.83 -5.25
C ILE B 547 -0.44 -39.50 -6.40
N GLU B 548 -0.86 -40.53 -7.14
CA GLU B 548 -1.83 -40.37 -8.22
C GLU B 548 -3.12 -39.73 -7.73
N LYS B 549 -3.59 -40.16 -6.55
CA LYS B 549 -4.83 -39.62 -5.99
C LYS B 549 -4.67 -38.18 -5.53
N ILE B 550 -3.51 -37.86 -4.97
CA ILE B 550 -3.21 -36.49 -4.62
C ILE B 550 -3.22 -35.64 -5.90
N ARG B 551 -2.55 -36.16 -6.94
CA ARG B 551 -2.53 -35.51 -8.25
C ARG B 551 -3.93 -35.18 -8.77
N GLN B 552 -4.85 -36.14 -8.66
CA GLN B 552 -6.18 -35.97 -9.24
C GLN B 552 -7.12 -35.14 -8.36
N SER B 553 -7.02 -35.29 -7.05
CA SER B 553 -8.12 -34.89 -6.18
C SER B 553 -7.80 -34.03 -4.96
N ASP B 554 -6.53 -33.71 -4.72
CA ASP B 554 -6.23 -32.93 -3.51
C ASP B 554 -6.92 -31.57 -3.58
N ILE B 555 -7.50 -31.16 -2.44
CA ILE B 555 -8.17 -29.87 -2.33
C ILE B 555 -7.17 -28.72 -2.48
N ASN B 556 -5.89 -29.03 -2.23
CA ASN B 556 -4.83 -28.03 -2.27
C ASN B 556 -4.10 -28.13 -3.61
N LEU B 557 -4.09 -27.06 -4.39
CA LEU B 557 -3.55 -27.11 -5.73
C LEU B 557 -2.03 -27.22 -5.76
N ILE B 558 -1.39 -26.72 -4.72
CA ILE B 558 0.06 -26.89 -4.61
C ILE B 558 0.39 -28.36 -4.37
N ASN B 559 -0.43 -29.03 -3.55
CA ASN B 559 -0.28 -30.47 -3.34
C ASN B 559 -0.43 -31.25 -4.64
N ARG B 560 -1.42 -30.89 -5.44
CA ARG B 560 -1.59 -31.53 -6.75
C ARG B 560 -0.35 -31.34 -7.59
N SER B 561 0.17 -30.12 -7.57
CA SER B 561 1.35 -29.78 -8.35
C SER B 561 2.59 -30.57 -7.91
N ARG B 562 2.74 -30.77 -6.61
CA ARG B 562 3.84 -31.60 -6.10
C ARG B 562 3.72 -33.03 -6.59
N ALA B 563 2.50 -33.57 -6.56
CA ALA B 563 2.26 -34.93 -7.03
C ALA B 563 2.60 -35.04 -8.52
N ILE B 564 2.15 -34.06 -9.30
CA ILE B 564 2.46 -33.98 -10.73
C ILE B 564 3.96 -33.85 -10.93
N GLN B 565 4.60 -33.04 -10.10
CA GLN B 565 6.04 -32.84 -10.20
C GLN B 565 6.75 -34.18 -10.02
N TYR B 566 6.33 -34.94 -9.00
CA TYR B 566 6.92 -36.25 -8.76
C TYR B 566 6.77 -37.18 -9.97
N LEU B 567 5.56 -37.29 -10.48
CA LEU B 567 5.28 -38.21 -11.59
C LEU B 567 6.02 -37.80 -12.87
N ALA B 568 6.25 -36.51 -13.02
CA ALA B 568 6.99 -36.02 -14.17
C ALA B 568 8.47 -36.34 -14.04
N LEU B 569 8.99 -36.23 -12.83
CA LEU B 569 10.42 -36.45 -12.59
C LEU B 569 10.78 -37.93 -12.56
N ASN B 570 9.86 -38.77 -12.12
CA ASN B 570 10.19 -40.16 -11.86
C ASN B 570 9.43 -41.15 -12.72
N ASN B 571 8.33 -40.72 -13.35
CA ASN B 571 7.46 -41.65 -14.06
C ASN B 571 7.01 -41.21 -15.45
N GLY B 572 7.79 -40.36 -16.10
CA GLY B 572 7.54 -40.01 -17.49
C GLY B 572 6.23 -39.27 -17.79
N VAL B 573 5.50 -38.87 -16.75
CA VAL B 573 4.28 -38.09 -16.96
C VAL B 573 4.61 -36.73 -17.57
N SER B 574 3.83 -36.30 -18.55
CA SER B 574 4.01 -35.01 -19.17
C SER B 574 3.13 -33.97 -18.45
N PRO B 575 3.77 -33.05 -17.70
CA PRO B 575 3.02 -32.21 -16.75
C PRO B 575 2.42 -30.94 -17.36
N GLN B 576 2.73 -30.63 -18.61
CA GLN B 576 2.38 -29.32 -19.18
C GLN B 576 0.90 -28.94 -19.02
N LEU B 577 -0.01 -29.79 -19.51
CA LEU B 577 -1.43 -29.46 -19.52
C LEU B 577 -2.01 -29.26 -18.11
N GLU B 578 -1.73 -30.19 -17.20
CA GLU B 578 -2.25 -30.09 -15.85
C GLU B 578 -1.77 -28.84 -15.12
N LEU B 579 -0.49 -28.53 -15.25
CA LEU B 579 0.07 -27.39 -14.52
C LEU B 579 -0.45 -26.08 -15.08
N GLU B 580 -0.56 -26.02 -16.40
CA GLU B 580 -1.17 -24.87 -17.07
C GLU B 580 -2.58 -24.66 -16.54
N ASP B 581 -3.33 -25.75 -16.40
CA ASP B 581 -4.68 -25.69 -15.87
C ASP B 581 -4.73 -25.26 -14.40
N LEU B 582 -3.81 -25.77 -13.60
CA LEU B 582 -3.80 -25.42 -12.18
C LEU B 582 -3.40 -23.95 -11.98
N VAL B 583 -2.48 -23.45 -12.81
CA VAL B 583 -2.09 -22.04 -12.72
C VAL B 583 -3.30 -21.12 -13.01
N LYS B 584 -4.05 -21.46 -14.06
CA LYS B 584 -5.23 -20.68 -14.45
C LYS B 584 -6.30 -20.77 -13.35
N GLN B 585 -6.39 -21.92 -12.71
CA GLN B 585 -7.38 -22.16 -11.65
C GLN B 585 -7.05 -21.50 -10.31
N ALA B 586 -5.77 -21.16 -10.12
CA ALA B 586 -5.26 -20.68 -8.83
C ALA B 586 -6.04 -19.49 -8.24
N LYS B 587 -6.42 -19.63 -6.96
CA LYS B 587 -7.26 -18.66 -6.28
C LYS B 587 -6.65 -17.27 -6.08
N ASP B 588 -5.32 -17.21 -5.95
CA ASP B 588 -4.67 -15.94 -5.63
C ASP B 588 -3.28 -15.94 -6.26
N PRO B 589 -2.66 -14.75 -6.36
CA PRO B 589 -1.37 -14.67 -7.06
C PRO B 589 -0.29 -15.58 -6.47
N LEU B 590 -0.15 -15.62 -5.15
CA LEU B 590 0.94 -16.36 -4.55
C LEU B 590 0.84 -17.86 -4.81
N THR B 591 -0.38 -18.39 -4.81
CA THR B 591 -0.56 -19.80 -5.12
C THR B 591 -0.11 -20.08 -6.54
N ALA B 592 -0.50 -19.21 -7.45
CA ALA B 592 -0.10 -19.34 -8.84
C ALA B 592 1.41 -19.27 -8.95
N LEU B 593 2.02 -18.33 -8.23
CA LEU B 593 3.46 -18.13 -8.29
C LEU B 593 4.18 -19.40 -7.83
N ALA B 594 3.62 -20.05 -6.81
CA ALA B 594 4.19 -21.29 -6.28
C ALA B 594 4.16 -22.40 -7.34
N ILE B 595 3.05 -22.52 -8.05
CA ILE B 595 2.93 -23.54 -9.08
C ILE B 595 3.86 -23.22 -10.26
N LEU B 596 4.04 -21.93 -10.55
CA LEU B 596 4.94 -21.53 -11.62
C LEU B 596 6.40 -21.86 -11.27
N ASN B 597 6.73 -21.82 -9.99
CA ASN B 597 8.08 -22.20 -9.57
C ASN B 597 8.33 -23.68 -9.86
N ILE B 598 7.31 -24.50 -9.58
CA ILE B 598 7.34 -25.92 -9.89
C ILE B 598 7.46 -26.14 -11.39
N ALA B 599 6.71 -25.37 -12.17
CA ALA B 599 6.81 -25.45 -13.62
C ALA B 599 8.21 -25.09 -14.09
N THR B 600 8.85 -24.15 -13.40
CA THR B 600 10.21 -23.76 -13.75
C THR B 600 11.20 -24.89 -13.47
N GLN B 601 11.07 -25.52 -12.31
CA GLN B 601 11.94 -26.64 -11.99
C GLN B 601 11.82 -27.74 -13.05
N LEU B 602 10.58 -28.04 -13.44
CA LEU B 602 10.32 -29.08 -14.46
C LEU B 602 10.87 -28.64 -15.82
N HIS B 603 10.66 -27.37 -16.14
CA HIS B 603 11.20 -26.77 -17.37
C HIS B 603 12.71 -26.97 -17.51
N ASP B 604 13.42 -26.62 -16.44
CA ASP B 604 14.89 -26.70 -16.38
C ASP B 604 15.42 -28.13 -16.41
N THR B 605 14.76 -29.02 -15.69
CA THR B 605 15.21 -30.39 -15.54
C THR B 605 14.82 -31.27 -16.75
N LEU B 606 13.61 -31.09 -17.27
CA LEU B 606 13.07 -31.96 -18.31
C LEU B 606 13.07 -31.33 -19.71
N GLY B 607 13.39 -30.05 -19.79
CA GLY B 607 13.46 -29.37 -21.08
C GLY B 607 12.12 -29.28 -21.78
N ILE B 608 11.11 -28.80 -21.06
CA ILE B 608 9.77 -28.67 -21.63
C ILE B 608 9.26 -27.25 -21.45
N ALA B 609 8.44 -26.80 -22.42
CA ALA B 609 7.85 -25.47 -22.37
C ALA B 609 6.42 -25.49 -21.82
N PHE B 610 6.01 -24.37 -21.26
CA PHE B 610 4.67 -24.22 -20.70
C PHE B 610 3.99 -23.00 -21.31
N ASN B 611 2.76 -23.17 -21.77
CA ASN B 611 1.95 -22.04 -22.27
C ASN B 611 1.08 -21.51 -21.15
N ILE B 612 1.58 -20.52 -20.43
CA ILE B 612 0.91 -20.05 -19.22
C ILE B 612 -0.15 -18.98 -19.48
N GLU B 613 -1.32 -19.18 -18.87
CA GLU B 613 -2.42 -18.21 -18.87
C GLU B 613 -2.93 -18.08 -17.45
N LEU B 614 -3.13 -16.83 -17.00
CA LEU B 614 -3.41 -16.60 -15.58
C LEU B 614 -4.90 -16.39 -15.30
N ASN B 615 -5.27 -16.52 -14.04
CA ASN B 615 -6.66 -16.45 -13.59
C ASN B 615 -7.30 -15.08 -13.85
N LYS B 616 -8.45 -15.09 -14.52
CA LYS B 616 -9.22 -13.87 -14.78
C LYS B 616 -9.50 -13.09 -13.50
N LEU B 617 -9.75 -13.82 -12.41
CA LEU B 617 -10.10 -13.24 -11.11
C LEU B 617 -9.06 -12.29 -10.47
N TRP B 618 -7.85 -12.26 -11.02
CA TRP B 618 -6.82 -11.32 -10.57
C TRP B 618 -5.72 -11.09 -11.61
N SER B 631 1.22 1.57 -6.45
CA SER B 631 1.17 0.77 -7.67
C SER B 631 2.57 0.28 -8.02
N PHE B 632 3.56 0.67 -7.20
CA PHE B 632 4.88 0.05 -7.25
C PHE B 632 4.80 -1.41 -6.81
N HIS B 633 3.87 -1.71 -5.92
CA HIS B 633 3.62 -3.09 -5.50
C HIS B 633 3.02 -3.90 -6.65
N LYS B 634 2.04 -3.32 -7.34
CA LYS B 634 1.39 -3.98 -8.47
C LYS B 634 2.38 -4.19 -9.63
N ARG B 635 3.26 -3.21 -9.85
CA ARG B 635 4.30 -3.34 -10.86
C ARG B 635 5.25 -4.48 -10.52
N THR B 636 5.63 -4.56 -9.24
CA THR B 636 6.55 -5.59 -8.79
C THR B 636 5.93 -6.97 -8.97
N VAL B 637 4.70 -7.12 -8.48
CA VAL B 637 4.01 -8.40 -8.57
C VAL B 637 3.72 -8.81 -10.02
N ASP B 638 3.32 -7.87 -10.85
CA ASP B 638 3.08 -8.15 -12.27
C ASP B 638 4.36 -8.66 -12.93
N GLY B 639 5.49 -8.09 -12.50
CA GLY B 639 6.79 -8.47 -13.03
C GLY B 639 7.19 -9.90 -12.76
N TRP B 640 6.83 -10.41 -11.59
CA TRP B 640 7.08 -11.81 -11.27
C TRP B 640 6.41 -12.72 -12.29
N PHE B 641 5.13 -12.47 -12.55
CA PHE B 641 4.39 -13.35 -13.44
C PHE B 641 4.87 -13.20 -14.88
N LYS B 642 5.14 -11.96 -15.31
CA LYS B 642 5.67 -11.74 -16.65
C LYS B 642 6.99 -12.46 -16.84
N ALA B 643 7.86 -12.37 -15.83
CA ALA B 643 9.15 -13.05 -15.88
C ALA B 643 8.97 -14.56 -16.06
N ARG B 644 8.05 -15.13 -15.30
CA ARG B 644 7.83 -16.57 -15.38
C ARG B 644 7.18 -16.97 -16.71
N MET B 645 6.19 -16.22 -17.14
CA MET B 645 5.52 -16.51 -18.41
C MET B 645 6.47 -16.42 -19.59
N ASP B 646 7.28 -15.37 -19.65
CA ASP B 646 8.23 -15.21 -20.75
C ASP B 646 9.24 -16.36 -20.80
N TYR B 647 9.70 -16.78 -19.63
CA TYR B 647 10.74 -17.80 -19.54
C TYR B 647 10.24 -19.20 -19.92
N LEU B 648 9.07 -19.56 -19.38
CA LEU B 648 8.56 -20.92 -19.54
C LEU B 648 8.12 -21.22 -20.98
N LYS B 649 7.87 -20.16 -21.77
CA LYS B 649 7.36 -20.32 -23.14
C LYS B 649 8.34 -21.03 -24.07
N ASN B 650 9.62 -20.97 -23.72
CA ASN B 650 10.67 -21.57 -24.54
C ASN B 650 11.48 -22.62 -23.80
N ILE B 651 11.80 -23.70 -24.49
CA ILE B 651 12.71 -24.71 -23.98
C ILE B 651 14.13 -24.16 -23.90
O4 A1APD C . -21.04 26.84 4.84
O50 A1APD C . -22.98 29.65 10.65
S6 A1APD C . -21.95 29.28 9.61
O51 A1APD C . -21.71 27.83 9.96
O52 A1APD C . -20.68 30.10 9.77
O6 A1APD C . -22.52 29.45 8.21
C6 A1APD C . -22.28 28.40 7.27
C5 A1APD C . -21.25 28.87 6.29
O5 A1APD C . -19.89 28.60 6.81
C1 A1APD C . -18.88 29.25 5.99
O1 A1APD C . -18.78 30.62 6.32
C2 A1APD C . -19.09 29.07 4.48
O2 A1APD C . -18.40 30.14 3.79
S2 A1APD C . -17.24 29.74 2.89
O54 A1APD C . -17.71 29.55 1.46
O55 A1APD C . -16.23 30.85 2.73
O53 A1APD C . -16.58 28.48 3.42
C3 A1APD C . -20.51 29.02 4.01
O3 A1APD C . -20.51 28.44 2.63
C4 A1APD C . -21.40 28.27 4.89
O7 A1APB C . -19.40 23.94 2.84
O8 A1APB C . -19.60 26.25 2.39
O9 A1APB C . -20.16 24.61 0.56
C1 A1APB C . -22.17 25.94 4.80
C2 A1APB C . -21.84 24.69 4.00
C3 A1APB C . -22.89 23.69 4.07
C4 A1APB C . -23.05 23.26 5.47
C5 A1APB C . -23.42 24.44 6.37
C6 A1APB C . -23.26 24.04 7.79
O2 A1APB C . -21.70 24.90 2.56
O3 A1APB C . -22.47 22.62 3.17
O4 A1APB C . -21.78 22.72 5.85
O5 A1APB C . -22.53 25.60 6.19
O6 A1APB C . -24.57 23.79 8.34
S1 A1APB C . -20.24 24.92 2.05
CL CL D . -25.66 5.52 10.75
CL CL E . -28.58 17.29 -12.34
CA CA F . -19.15 25.13 -2.27
CL CL G . 32.79 -14.59 -1.26
CL CL H . 9.27 -25.13 -5.17
CA CA I . 21.09 -3.95 -1.53
O7 A1APB J . 16.83 -5.42 -3.22
O8 A1APB J . 17.33 -3.37 -4.23
O9 A1APB J . 19.24 -4.72 -3.35
C1 A1APB J . 16.56 -4.83 -7.26
C2 A1APB J . 16.81 -5.83 -6.15
C3 A1APB J . 16.99 -7.18 -6.73
C4 A1APB J . 15.78 -7.60 -7.47
C5 A1APB J . 15.38 -6.58 -8.55
C6 A1APB J . 14.00 -6.87 -8.98
O2 A1APB J . 18.05 -5.51 -5.43
O3 A1APB J . 17.28 -8.12 -5.65
O4 A1APB J . 14.70 -7.76 -6.53
O5 A1APB J . 15.39 -5.18 -8.07
O6 A1APB J . 14.03 -8.11 -9.69
S1 A1APB J . 17.89 -4.77 -4.07
O1 A1APB J . 16.36 -3.49 -6.72
#